data_6BGA
#
_entry.id   6BGA
#
_cell.length_a   79.107
_cell.length_b   58.851
_cell.length_c   224.619
_cell.angle_alpha   90.00
_cell.angle_beta   91.71
_cell.angle_gamma   90.00
#
_symmetry.space_group_name_H-M   'I 1 2 1'
#
loop_
_entity.id
_entity.type
_entity.pdbx_description
1 polymer 'H-2 class II histocompatibility antigen, E-K alpha chain'
2 polymer '2B4 peptide,MHC I-Ek B chain'
3 polymer 'T cell receptor 2B4 alpha chain'
4 polymer 'T cell receptor 2B4 beta chain'
5 polymer 'Velcro peptide'
6 branched alpha-L-fucopyranose-(1-6)-2-acetamido-2-deoxy-beta-D-glucopyranose
7 non-polymer 2-acetamido-2-deoxy-beta-D-glucopyranose
8 non-polymer 1,2-ETHANEDIOL
9 non-polymer 'PHOSPHATE ION'
10 water water
#
loop_
_entity_poly.entity_id
_entity_poly.type
_entity_poly.pdbx_seq_one_letter_code
_entity_poly.pdbx_strand_id
1 'polypeptide(L)'
;ADPIKEEHTIIQAEFYLLPDKRGEFMFDFDGDEIFHVDIEKSETIWRLEEFAKFASFEAQGALANIAVDKANLDVMKERS
NNTPDANVAPEVTVLSRSPVNLGEPNILICFIDKFSPPVVNVTWLRNGRPVTEGVSETVFLPRDDHLFRKFHYLTFLPST
DDFYDCEVDHWGLEEPLRKHWEFEEKTLLPETKESRGGLEVLFQ
;
A
2 'polypeptide(L)'
;ADSLSFFSSSIKRGGGSLVPRGSGGGGSRPWFLEYCKSECHFYNGTQRVRLLVRYFYNLEENLRFDSDVGEFRAVTELGR
PDAENWNSQPEFLEQKRAEVDTVCRHNYEIFDNFLVPRRVEPTVTVYPTKTQPLEHHNLLVCSVSDFYPGNIEVRWFRNG
KEEKTGIVSTGLVRNGDWTFQTLVMLETVPQSGEVYTCQVEHPSLTDPVTVEWKAQSTSAQNKSRGGLEVLFQ
;
B
3 'polypeptide(L)'
;ADPGRGDQVEQSPSALSLHEGTGSALRCNFTTTMRAVQWFQQNSRGSLINLFYLASGTKENGRLKSTFNSKESYSTLHIR
DAQLEDSGTYFCAALRATGGNNKLTFGQGTVLSVIPDIQNPDPAVYQLRDSKSSDKSVCLFTDFDSQTNVSQSKDSDVYI
TDKCVLDMRSMDFKSNSAVAWSNKSDFACANAFNNSIIPEDTFFPSPESSSRGGLEVLFQ
;
C
4 'polypeptide(L)'
;ADPKVIQTPRYLVKGQGQKAKMRCIPEKGHPVVFWYQQNKNNEFKFLINFQNQEVLQQIDMTEKRFSAECPSNSPCSLEI
QSSEAGDSALYLCASSLNWSQDTQYFGPGTRLLVLEDLKNVFPPEVAVFEPSEAEISHTQKATLVCLATGFYPDHVELSW
WVNGKEVHSGVCTDPQPLKEQPALNDSRYALSSRLRVSATFWQNPRNHFRCQVQFYGLSENDEWTQDRAKPVTQIVSAEA
WGRADSRGGLEVLFQ
;
D
5 'polypeptide(L)' YVVVPDGTGGGSGSG E
#
# COMPACT_ATOMS: atom_id res chain seq x y z
N ILE A 4 12.05 32.04 19.84
CA ILE A 4 12.18 30.59 19.87
C ILE A 4 12.13 30.05 18.45
N LYS A 5 12.90 28.99 18.19
CA LYS A 5 12.94 28.35 16.89
C LYS A 5 13.42 26.92 17.07
N GLU A 6 12.83 26.00 16.30
CA GLU A 6 13.19 24.59 16.35
C GLU A 6 13.69 24.15 14.99
N GLU A 7 15.00 23.95 14.88
CA GLU A 7 15.68 23.62 13.63
C GLU A 7 16.17 22.18 13.72
N HIS A 8 15.65 21.31 12.86
CA HIS A 8 15.98 19.89 12.96
C HIS A 8 15.95 19.25 11.59
N THR A 9 16.77 18.20 11.45
CA THR A 9 16.84 17.40 10.24
C THR A 9 16.68 15.94 10.63
N ILE A 10 15.66 15.28 10.08
CA ILE A 10 15.40 13.87 10.33
C ILE A 10 15.58 13.13 9.01
N ILE A 11 16.48 12.15 9.00
CA ILE A 11 16.90 11.47 7.78
C ILE A 11 16.64 9.98 7.91
N GLN A 12 15.97 9.41 6.91
CA GLN A 12 15.89 7.97 6.74
C GLN A 12 16.98 7.57 5.75
N ALA A 13 18.01 6.88 6.24
CA ALA A 13 19.13 6.46 5.42
C ALA A 13 19.10 4.94 5.25
N GLU A 14 19.27 4.48 4.02
CA GLU A 14 19.23 3.06 3.73
C GLU A 14 20.14 2.75 2.55
N PHE A 15 20.70 1.54 2.54
CA PHE A 15 21.52 1.11 1.42
C PHE A 15 21.50 -0.41 1.33
N TYR A 16 21.93 -0.90 0.16
CA TYR A 16 22.22 -2.32 -0.06
C TYR A 16 23.55 -2.41 -0.80
N LEU A 17 24.40 -3.34 -0.35
CA LEU A 17 25.79 -3.38 -0.78
C LEU A 17 26.14 -4.76 -1.30
N LEU A 18 26.75 -4.81 -2.49
CA LEU A 18 27.34 -6.00 -3.08
C LEU A 18 28.86 -5.85 -3.12
N PRO A 19 29.62 -6.95 -2.98
CA PRO A 19 29.17 -8.33 -2.90
C PRO A 19 28.77 -8.78 -1.49
N ASP A 20 28.82 -7.86 -0.52
CA ASP A 20 28.55 -8.23 0.86
C ASP A 20 27.11 -8.71 1.07
N LYS A 21 26.20 -8.39 0.15
CA LYS A 21 24.79 -8.75 0.27
C LYS A 21 24.22 -8.27 1.60
N ARG A 22 24.60 -7.06 2.00
CA ARG A 22 24.25 -6.51 3.30
C ARG A 22 23.48 -5.22 3.12
N GLY A 23 22.35 -5.11 3.83
CA GLY A 23 21.54 -3.91 3.78
C GLY A 23 21.45 -3.21 5.12
N GLU A 24 21.09 -1.93 5.11
CA GLU A 24 20.95 -1.17 6.34
C GLU A 24 19.78 -0.19 6.19
N PHE A 25 19.11 0.07 7.31
CA PHE A 25 17.95 0.96 7.36
C PHE A 25 17.99 1.67 8.70
N MET A 26 18.13 2.99 8.69
CA MET A 26 18.25 3.73 9.94
C MET A 26 17.60 5.09 9.81
N PHE A 27 17.24 5.65 10.98
CA PHE A 27 16.76 7.02 11.10
C PHE A 27 17.81 7.86 11.82
N ASP A 28 17.96 9.11 11.39
CA ASP A 28 18.95 10.02 11.95
C ASP A 28 18.26 11.30 12.40
N PHE A 29 18.69 11.84 13.53
CA PHE A 29 18.12 13.06 14.09
C PHE A 29 19.26 14.01 14.45
N ASP A 30 19.40 15.08 13.66
CA ASP A 30 20.43 16.10 13.87
C ASP A 30 21.82 15.48 13.98
N GLY A 31 22.06 14.38 13.25
CA GLY A 31 23.34 13.75 13.20
C GLY A 31 23.52 12.55 14.12
N ASP A 32 22.48 12.15 14.85
CA ASP A 32 22.54 11.01 15.75
C ASP A 32 21.50 9.97 15.35
N GLU A 33 21.86 8.71 15.55
CA GLU A 33 20.95 7.62 15.20
C GLU A 33 19.78 7.56 16.17
N ILE A 34 18.56 7.54 15.63
CA ILE A 34 17.40 7.22 16.45
C ILE A 34 17.27 5.72 16.63
N PHE A 35 17.31 4.99 15.52
CA PHE A 35 17.21 3.54 15.53
C PHE A 35 17.71 3.01 14.20
N HIS A 36 17.89 1.70 14.15
CA HIS A 36 18.10 0.98 12.89
C HIS A 36 17.36 -0.35 12.99
N VAL A 37 16.99 -0.87 11.83
CA VAL A 37 16.26 -2.14 11.76
C VAL A 37 17.28 -3.26 11.51
N ASP A 38 17.29 -4.25 12.39
CA ASP A 38 18.04 -5.48 12.16
C ASP A 38 17.40 -6.17 10.97
N ILE A 39 18.04 -6.10 9.81
CA ILE A 39 17.45 -6.61 8.57
C ILE A 39 17.23 -8.10 8.65
N GLU A 40 18.11 -8.82 9.34
CA GLU A 40 17.99 -10.28 9.41
C GLU A 40 16.84 -10.69 10.34
N LYS A 41 16.79 -10.10 11.54
CA LYS A 41 15.80 -10.48 12.54
C LYS A 41 14.52 -9.67 12.45
N SER A 42 14.49 -8.63 11.64
CA SER A 42 13.31 -7.76 11.46
C SER A 42 12.81 -7.23 12.81
N GLU A 43 13.70 -6.51 13.50
CA GLU A 43 13.34 -5.86 14.74
C GLU A 43 14.00 -4.49 14.80
N THR A 44 13.30 -3.54 15.44
CA THR A 44 13.80 -2.18 15.58
C THR A 44 14.77 -2.09 16.75
N ILE A 45 15.95 -1.57 16.48
CA ILE A 45 17.01 -1.45 17.48
C ILE A 45 17.18 0.03 17.80
N TRP A 46 16.67 0.44 18.95
CA TRP A 46 16.74 1.84 19.35
C TRP A 46 18.12 2.18 19.88
N ARG A 47 18.62 3.37 19.50
CA ARG A 47 19.96 3.77 19.88
C ARG A 47 20.07 3.99 21.38
N LEU A 48 19.04 4.58 21.99
CA LEU A 48 18.91 4.67 23.43
C LEU A 48 17.65 3.93 23.84
N GLU A 49 17.76 3.07 24.87
CA GLU A 49 16.65 2.21 25.23
C GLU A 49 15.38 2.99 25.57
N GLU A 50 15.53 4.20 26.11
CA GLU A 50 14.37 5.00 26.48
C GLU A 50 13.58 5.48 25.27
N PHE A 51 14.16 5.41 24.07
CA PHE A 51 13.42 5.80 22.88
C PHE A 51 12.22 4.89 22.63
N ALA A 52 12.29 3.64 23.09
CA ALA A 52 11.23 2.68 22.82
C ALA A 52 9.91 3.10 23.46
N LYS A 53 9.96 3.86 24.55
CA LYS A 53 8.73 4.27 25.22
C LYS A 53 7.92 5.27 24.41
N PHE A 54 8.55 5.99 23.50
CA PHE A 54 7.89 7.10 22.81
C PHE A 54 7.56 6.81 21.35
N ALA A 55 8.14 5.78 20.74
CA ALA A 55 7.92 5.53 19.32
C ALA A 55 7.99 4.04 19.04
N SER A 56 7.47 3.67 17.87
CA SER A 56 7.53 2.30 17.38
C SER A 56 7.62 2.34 15.87
N PHE A 57 8.19 1.28 15.29
CA PHE A 57 8.30 1.16 13.85
C PHE A 57 8.08 -0.29 13.44
N GLU A 58 7.24 -0.50 12.44
CA GLU A 58 6.98 -1.84 11.90
C GLU A 58 8.17 -2.22 11.03
N ALA A 59 9.05 -3.05 11.59
CA ALA A 59 10.36 -3.31 10.97
C ALA A 59 10.23 -3.98 9.61
N GLN A 60 9.12 -4.72 9.37
CA GLN A 60 8.97 -5.39 8.09
C GLN A 60 8.86 -4.41 6.93
N GLY A 61 8.55 -3.14 7.22
CA GLY A 61 8.60 -2.13 6.17
C GLY A 61 10.01 -1.92 5.65
N ALA A 62 11.00 -1.97 6.55
CA ALA A 62 12.39 -1.82 6.12
C ALA A 62 12.84 -3.01 5.29
N LEU A 63 12.42 -4.22 5.66
CA LEU A 63 12.79 -5.41 4.91
C LEU A 63 12.27 -5.35 3.48
N ALA A 64 11.06 -4.80 3.31
CA ALA A 64 10.53 -4.61 1.96
C ALA A 64 11.35 -3.57 1.20
N ASN A 65 11.77 -2.49 1.88
CA ASN A 65 12.58 -1.48 1.22
C ASN A 65 13.91 -2.06 0.75
N ILE A 66 14.56 -2.88 1.58
CA ILE A 66 15.85 -3.45 1.20
C ILE A 66 15.70 -4.37 -0.01
N ALA A 67 14.61 -5.14 -0.06
CA ALA A 67 14.38 -5.99 -1.22
C ALA A 67 14.25 -5.17 -2.50
N VAL A 68 13.55 -4.04 -2.43
CA VAL A 68 13.45 -3.17 -3.60
C VAL A 68 14.80 -2.52 -3.90
N ASP A 69 15.51 -2.08 -2.86
CA ASP A 69 16.85 -1.51 -3.05
C ASP A 69 17.79 -2.55 -3.66
N LYS A 70 17.64 -3.82 -3.26
CA LYS A 70 18.44 -4.89 -3.83
C LYS A 70 18.22 -5.00 -5.33
N ALA A 71 16.96 -4.93 -5.77
CA ALA A 71 16.66 -5.01 -7.20
C ALA A 71 17.08 -3.73 -7.92
N ASN A 72 16.94 -2.57 -7.26
CA ASN A 72 17.38 -1.32 -7.87
C ASN A 72 18.89 -1.32 -8.08
N LEU A 73 19.64 -1.95 -7.17
CA LEU A 73 21.08 -2.00 -7.33
C LEU A 73 21.48 -2.76 -8.59
N ASP A 74 20.78 -3.87 -8.87
CA ASP A 74 21.04 -4.60 -10.11
C ASP A 74 20.78 -3.72 -11.33
N VAL A 75 19.76 -2.86 -11.25
CA VAL A 75 19.48 -1.93 -12.35
C VAL A 75 20.63 -0.95 -12.53
N MET A 76 21.15 -0.43 -11.41
CA MET A 76 22.26 0.52 -11.50
C MET A 76 23.53 -0.16 -12.02
N LYS A 77 23.75 -1.41 -11.65
CA LYS A 77 24.94 -2.13 -12.12
C LYS A 77 24.89 -2.35 -13.63
N GLU A 78 23.69 -2.61 -14.17
CA GLU A 78 23.54 -2.70 -15.62
C GLU A 78 23.72 -1.34 -16.28
N ARG A 79 23.28 -0.26 -15.63
CA ARG A 79 23.26 1.05 -16.27
C ARG A 79 24.66 1.65 -16.40
N SER A 80 25.53 1.41 -15.41
CA SER A 80 26.87 1.95 -15.42
C SER A 80 27.89 0.83 -15.60
N ASN A 81 28.92 1.10 -16.39
CA ASN A 81 29.98 0.14 -16.67
C ASN A 81 31.33 0.83 -16.58
N ASN A 82 31.55 1.55 -15.48
CA ASN A 82 32.73 2.38 -15.34
C ASN A 82 33.90 1.60 -14.74
N THR A 83 35.10 1.99 -15.13
CA THR A 83 36.31 1.33 -14.64
C THR A 83 36.43 1.47 -13.13
N PRO A 84 36.49 0.36 -12.37
CA PRO A 84 36.59 0.47 -10.92
C PRO A 84 37.96 1.01 -10.53
N ASP A 85 37.96 2.09 -9.74
CA ASP A 85 39.25 2.69 -9.35
C ASP A 85 39.14 3.61 -8.13
N ALA A 86 38.12 3.48 -7.29
CA ALA A 86 37.95 4.46 -6.22
C ALA A 86 37.40 3.81 -4.96
N ASN A 87 38.21 3.82 -3.90
CA ASN A 87 37.74 3.65 -2.53
C ASN A 87 38.15 4.87 -1.72
N VAL A 88 37.38 5.20 -0.70
CA VAL A 88 37.63 6.37 0.12
C VAL A 88 38.13 5.89 1.49
N ALA A 89 39.41 6.08 1.74
CA ALA A 89 40.01 5.65 3.00
C ALA A 89 39.44 6.47 4.17
N PRO A 90 39.32 5.88 5.35
CA PRO A 90 38.66 6.57 6.45
C PRO A 90 39.60 7.41 7.30
N GLU A 91 39.02 8.41 7.95
CA GLU A 91 39.68 9.09 9.06
C GLU A 91 39.41 8.31 10.34
N VAL A 92 40.43 8.10 11.15
CA VAL A 92 40.30 7.38 12.40
C VAL A 92 40.82 8.26 13.53
N THR A 93 39.97 8.53 14.51
CA THR A 93 40.34 9.31 15.69
C THR A 93 40.00 8.51 16.93
N VAL A 94 40.92 8.44 17.88
CA VAL A 94 40.72 7.78 19.15
C VAL A 94 40.73 8.84 20.25
N LEU A 95 39.69 8.85 21.07
CA LEU A 95 39.54 9.85 22.12
C LEU A 95 38.64 9.28 23.20
N SER A 96 38.78 9.83 24.41
CA SER A 96 37.93 9.42 25.51
C SER A 96 36.59 10.15 25.45
N ARG A 97 35.55 9.48 25.95
CA ARG A 97 34.24 10.08 26.00
C ARG A 97 34.18 11.21 27.02
N SER A 98 34.94 11.09 28.11
CA SER A 98 34.94 12.04 29.21
C SER A 98 36.37 12.37 29.58
N PRO A 99 36.59 13.45 30.33
CA PRO A 99 37.94 13.72 30.87
C PRO A 99 38.45 12.52 31.65
N VAL A 100 39.70 12.16 31.39
CA VAL A 100 40.28 10.93 31.90
C VAL A 100 40.82 11.17 33.30
N ASN A 101 40.31 10.43 34.27
CA ASN A 101 40.83 10.43 35.64
C ASN A 101 41.23 9.00 36.00
N LEU A 102 42.42 8.85 36.58
CA LEU A 102 42.92 7.53 36.92
C LEU A 102 41.98 6.83 37.89
N GLY A 103 41.72 5.55 37.62
CA GLY A 103 40.83 4.76 38.46
C GLY A 103 39.36 5.06 38.28
N GLU A 104 38.99 5.92 37.33
CA GLU A 104 37.61 6.32 37.11
C GLU A 104 37.12 5.76 35.78
N PRO A 105 36.14 4.86 35.76
CA PRO A 105 35.74 4.22 34.51
C PRO A 105 35.37 5.23 33.43
N ASN A 106 35.86 4.97 32.22
CA ASN A 106 35.66 5.86 31.08
C ASN A 106 35.43 5.00 29.84
N ILE A 107 35.27 5.66 28.70
CA ILE A 107 35.00 5.00 27.43
C ILE A 107 35.89 5.59 26.35
N LEU A 108 36.64 4.74 25.66
CA LEU A 108 37.41 5.16 24.49
C LEU A 108 36.53 5.10 23.25
N ILE A 109 36.58 6.16 22.45
CA ILE A 109 35.79 6.25 21.22
C ILE A 109 36.73 6.12 20.05
N CYS A 110 36.47 5.15 19.18
CA CYS A 110 37.17 5.04 17.90
C CYS A 110 36.24 5.58 16.82
N PHE A 111 36.54 6.78 16.33
CA PHE A 111 35.68 7.48 15.39
C PHE A 111 36.22 7.28 13.98
N ILE A 112 35.53 6.45 13.20
CA ILE A 112 35.86 6.19 11.80
C ILE A 112 34.99 7.08 10.95
N ASP A 113 35.61 7.90 10.09
CA ASP A 113 34.90 8.99 9.43
C ASP A 113 35.31 9.08 7.97
N LYS A 114 34.41 9.66 7.17
CA LYS A 114 34.69 10.05 5.78
C LYS A 114 35.16 8.86 4.93
N PHE A 115 34.39 7.77 4.96
CA PHE A 115 34.78 6.59 4.21
C PHE A 115 33.60 6.01 3.44
N SER A 116 33.94 5.19 2.46
CA SER A 116 33.02 4.45 1.61
C SER A 116 33.85 3.44 0.81
N PRO A 117 33.36 2.22 0.58
CA PRO A 117 32.04 1.68 0.91
C PRO A 117 31.81 1.45 2.40
N PRO A 118 30.55 1.29 2.81
CA PRO A 118 30.27 1.04 4.25
C PRO A 118 30.60 -0.39 4.66
N VAL A 119 31.90 -0.68 4.74
CA VAL A 119 32.40 -1.95 5.24
C VAL A 119 33.75 -1.72 5.89
N VAL A 120 33.88 -2.08 7.16
CA VAL A 120 35.11 -1.92 7.92
C VAL A 120 35.28 -3.11 8.84
N ASN A 121 36.54 -3.34 9.23
CA ASN A 121 36.88 -4.33 10.23
C ASN A 121 37.71 -3.63 11.31
N VAL A 122 37.17 -3.57 12.52
CA VAL A 122 37.73 -2.77 13.61
C VAL A 122 38.12 -3.71 14.74
N THR A 123 39.32 -3.52 15.28
CA THR A 123 39.81 -4.29 16.41
C THR A 123 40.35 -3.35 17.48
N TRP A 124 39.84 -3.50 18.70
CA TRP A 124 40.42 -2.80 19.84
C TRP A 124 41.61 -3.57 20.38
N LEU A 125 42.64 -2.85 20.82
CA LEU A 125 43.85 -3.44 21.35
C LEU A 125 44.19 -2.77 22.68
N ARG A 126 44.25 -3.56 23.74
CA ARG A 126 44.73 -3.11 25.04
C ARG A 126 46.07 -3.78 25.31
N ASN A 127 47.12 -2.98 25.40
CA ASN A 127 48.49 -3.48 25.59
C ASN A 127 48.92 -4.41 24.46
N GLY A 128 48.40 -4.19 23.26
CA GLY A 128 48.83 -4.92 22.09
C GLY A 128 48.09 -6.22 21.82
N ARG A 129 47.01 -6.50 22.53
CA ARG A 129 46.23 -7.70 22.28
C ARG A 129 44.75 -7.35 22.17
N PRO A 130 44.02 -8.07 21.30
CA PRO A 130 42.61 -7.71 21.07
C PRO A 130 41.75 -7.85 22.31
N VAL A 131 40.72 -7.00 22.37
CA VAL A 131 39.77 -6.99 23.47
C VAL A 131 38.36 -7.05 22.86
N THR A 132 37.65 -8.14 23.13
CA THR A 132 36.28 -8.32 22.66
C THR A 132 35.26 -8.11 23.75
N GLU A 133 35.69 -7.65 24.93
CA GLU A 133 34.81 -7.47 26.07
C GLU A 133 34.65 -5.99 26.38
N GLY A 134 33.44 -5.60 26.78
CA GLY A 134 33.15 -4.20 27.03
C GLY A 134 33.30 -3.33 25.81
N VAL A 135 33.01 -3.86 24.63
CA VAL A 135 33.08 -3.11 23.39
C VAL A 135 31.67 -3.03 22.79
N SER A 136 31.35 -1.89 22.20
CA SER A 136 30.10 -1.69 21.49
C SER A 136 30.41 -1.03 20.15
N GLU A 137 29.39 -0.91 19.31
CA GLU A 137 29.63 -0.44 17.95
C GLU A 137 28.31 -0.02 17.32
N THR A 138 28.37 1.07 16.56
CA THR A 138 27.21 1.58 15.84
C THR A 138 27.19 1.03 14.41
N VAL A 139 26.06 1.23 13.74
CA VAL A 139 25.96 0.91 12.32
C VAL A 139 26.63 2.03 11.54
N PHE A 140 26.59 1.95 10.22
CA PHE A 140 27.22 2.97 9.38
C PHE A 140 26.32 4.20 9.33
N LEU A 141 26.78 5.29 9.93
CA LEU A 141 25.99 6.50 10.06
C LEU A 141 26.18 7.39 8.84
N PRO A 142 25.16 8.15 8.46
CA PRO A 142 25.28 9.03 7.29
C PRO A 142 25.99 10.34 7.64
N ARG A 143 26.55 10.96 6.62
CA ARG A 143 27.10 12.30 6.67
C ARG A 143 26.25 13.22 5.80
N ASP A 144 26.66 14.48 5.71
CA ASP A 144 25.99 15.39 4.80
C ASP A 144 26.26 15.01 3.35
N ASP A 145 27.44 14.48 3.05
CA ASP A 145 27.81 14.12 1.69
C ASP A 145 27.47 12.66 1.39
N HIS A 146 28.29 12.04 0.55
CA HIS A 146 28.07 10.66 0.11
C HIS A 146 28.80 9.64 0.97
N LEU A 147 29.52 10.08 2.00
CA LEU A 147 30.38 9.21 2.78
C LEU A 147 29.70 8.79 4.08
N PHE A 148 30.36 7.86 4.78
CA PHE A 148 29.83 7.27 6.00
C PHE A 148 30.76 7.54 7.17
N ARG A 149 30.21 7.38 8.38
CA ARG A 149 30.99 7.43 9.60
C ARG A 149 30.49 6.35 10.55
N LYS A 150 31.30 6.05 11.56
CA LYS A 150 31.04 4.91 12.43
C LYS A 150 31.75 5.10 13.75
N PHE A 151 31.11 4.65 14.83
CA PHE A 151 31.66 4.75 16.18
C PHE A 151 31.90 3.36 16.74
N HIS A 152 33.09 3.14 17.28
CA HIS A 152 33.40 1.95 18.05
C HIS A 152 33.84 2.37 19.45
N TYR A 153 33.32 1.70 20.47
CA TYR A 153 33.51 2.09 21.85
C TYR A 153 34.21 0.98 22.62
N LEU A 154 35.02 1.39 23.60
CA LEU A 154 35.72 0.46 24.49
C LEU A 154 35.68 1.03 25.90
N THR A 155 35.02 0.33 26.81
CA THR A 155 35.09 0.69 28.22
C THR A 155 36.45 0.33 28.78
N PHE A 156 37.03 1.23 29.58
CA PHE A 156 38.35 0.97 30.13
C PHE A 156 38.48 1.68 31.47
N LEU A 157 39.49 1.25 32.23
CA LEU A 157 39.81 1.84 33.52
C LEU A 157 41.16 2.54 33.42
N PRO A 158 41.19 3.87 33.44
CA PRO A 158 42.44 4.60 33.15
C PRO A 158 43.56 4.25 34.13
N SER A 159 44.75 4.02 33.56
CA SER A 159 45.94 3.71 34.33
C SER A 159 47.15 4.13 33.51
N THR A 160 48.26 4.37 34.22
CA THR A 160 49.50 4.74 33.55
C THR A 160 50.30 3.54 33.06
N ASP A 161 49.85 2.32 33.36
CA ASP A 161 50.54 1.12 32.93
C ASP A 161 50.05 0.62 31.56
N ASP A 162 48.91 1.09 31.09
CA ASP A 162 48.26 0.55 29.91
C ASP A 162 48.35 1.53 28.74
N PHE A 163 48.31 0.97 27.53
CA PHE A 163 48.16 1.74 26.30
C PHE A 163 47.11 1.05 25.43
N TYR A 164 46.56 1.81 24.49
CA TYR A 164 45.45 1.32 23.68
C TYR A 164 45.68 1.67 22.21
N ASP A 165 45.12 0.83 21.34
CA ASP A 165 45.18 1.02 19.90
C ASP A 165 43.84 0.61 19.30
N CYS A 166 43.32 1.42 18.39
CA CYS A 166 42.17 1.04 17.57
C CYS A 166 42.68 0.78 16.16
N GLU A 167 42.58 -0.47 15.71
CA GLU A 167 43.04 -0.86 14.40
C GLU A 167 41.82 -0.95 13.48
N VAL A 168 41.84 -0.16 12.41
CA VAL A 168 40.76 -0.11 11.43
C VAL A 168 41.30 -0.63 10.10
N ASP A 169 40.58 -1.58 9.50
CA ASP A 169 40.91 -2.11 8.19
C ASP A 169 39.79 -1.73 7.22
N HIS A 170 40.18 -1.25 6.04
CA HIS A 170 39.22 -0.77 5.06
C HIS A 170 39.84 -0.90 3.68
N TRP A 171 38.99 -1.14 2.68
CA TRP A 171 39.47 -1.41 1.32
C TRP A 171 40.21 -0.22 0.73
N GLY A 172 39.98 1.00 1.23
CA GLY A 172 40.75 2.13 0.77
C GLY A 172 42.12 2.25 1.40
N LEU A 173 42.45 1.37 2.34
CA LEU A 173 43.72 1.39 3.03
C LEU A 173 44.64 0.32 2.45
N GLU A 174 45.85 0.73 2.08
CA GLU A 174 46.85 -0.25 1.64
C GLU A 174 47.28 -1.15 2.78
N GLU A 175 47.14 -0.69 4.03
CA GLU A 175 47.58 -1.40 5.21
C GLU A 175 46.65 -1.00 6.34
N PRO A 176 46.16 -1.94 7.14
CA PRO A 176 45.30 -1.59 8.27
C PRO A 176 46.01 -0.64 9.22
N LEU A 177 45.41 0.53 9.43
CA LEU A 177 45.98 1.55 10.28
C LEU A 177 45.44 1.42 11.70
N ARG A 178 46.32 1.59 12.68
CA ARG A 178 45.94 1.61 14.08
C ARG A 178 46.28 2.97 14.66
N LYS A 179 45.35 3.54 15.41
CA LYS A 179 45.54 4.82 16.08
C LYS A 179 45.77 4.57 17.56
N HIS A 180 46.89 5.10 18.08
CA HIS A 180 47.32 4.85 19.44
C HIS A 180 46.61 5.76 20.42
N TRP A 181 46.56 5.33 21.68
CA TRP A 181 46.04 6.15 22.76
C TRP A 181 46.65 5.66 24.07
N GLU A 182 47.12 6.60 24.89
CA GLU A 182 47.60 6.28 26.22
C GLU A 182 47.40 7.50 27.11
N PHE A 183 47.21 7.25 28.40
CA PHE A 183 46.87 8.30 29.34
C PHE A 183 48.03 9.27 29.52
N GLU A 184 47.73 10.55 29.44
CA GLU A 184 48.66 11.62 29.78
C GLU A 184 47.93 12.60 30.68
N GLU A 185 48.53 12.93 31.82
CA GLU A 185 47.88 13.79 32.81
C GLU A 185 47.78 15.22 32.32
N ALA B 1 5.39 3.62 21.54
CA ALA B 1 4.13 4.33 21.54
C ALA B 1 3.59 4.51 20.12
N ASP B 2 3.54 5.75 19.67
CA ASP B 2 3.00 6.06 18.35
C ASP B 2 3.95 5.58 17.25
N SER B 3 3.39 4.91 16.25
CA SER B 3 4.18 4.33 15.18
C SER B 3 4.65 5.39 14.20
N LEU B 4 5.89 5.25 13.74
CA LEU B 4 6.48 6.17 12.79
C LEU B 4 6.11 5.75 11.37
N SER B 5 5.89 6.74 10.51
CA SER B 5 5.79 6.49 9.08
C SER B 5 7.18 6.54 8.47
N PHE B 6 7.28 5.97 7.27
CA PHE B 6 8.59 5.88 6.61
C PHE B 6 8.41 6.06 5.12
N PHE B 7 9.52 6.34 4.45
CA PHE B 7 9.53 6.45 2.99
C PHE B 7 9.66 5.05 2.39
N SER B 8 8.69 4.68 1.56
CA SER B 8 8.68 3.37 0.93
C SER B 8 9.47 3.41 -0.38
N SER B 9 10.29 2.38 -0.60
CA SER B 9 11.18 2.35 -1.74
C SER B 9 10.41 2.36 -3.06
N SER B 10 10.97 3.03 -4.05
CA SER B 10 10.41 3.08 -5.39
C SER B 10 11.26 2.20 -6.32
N ILE B 11 10.59 1.55 -7.26
CA ILE B 11 11.23 0.58 -8.14
C ILE B 11 11.86 1.29 -9.32
N LYS B 12 13.13 1.00 -9.59
CA LYS B 12 13.83 1.49 -10.77
C LYS B 12 13.70 0.49 -11.91
N ARG B 13 13.62 1.01 -13.13
CA ARG B 13 13.50 0.20 -14.33
C ARG B 13 14.80 0.29 -15.13
N GLY B 14 15.27 -0.85 -15.61
CA GLY B 14 16.49 -0.94 -16.38
C GLY B 14 16.27 -0.77 -17.87
N GLY B 15 17.19 -1.32 -18.66
CA GLY B 15 17.09 -1.34 -20.10
C GLY B 15 18.03 -0.39 -20.81
N GLY B 16 18.47 0.68 -20.16
CA GLY B 16 19.36 1.65 -20.77
C GLY B 16 20.63 1.81 -19.96
N SER B 17 21.76 1.91 -20.67
CA SER B 17 23.06 2.05 -20.03
C SER B 17 23.77 3.27 -20.58
N LEU B 18 24.71 3.79 -19.80
CA LEU B 18 25.49 4.97 -20.15
C LEU B 18 26.88 4.58 -20.61
N VAL B 19 27.42 5.39 -21.50
CA VAL B 19 28.80 5.19 -21.97
C VAL B 19 29.76 5.46 -20.82
N PRO B 20 30.77 4.60 -20.60
CA PRO B 20 31.80 4.77 -19.55
C PRO B 20 32.42 6.16 -19.54
N GLY B 22 36.57 5.76 -13.79
CA GLY B 22 35.25 5.28 -13.49
C GLY B 22 34.86 5.41 -12.03
N SER B 23 34.38 4.32 -11.44
CA SER B 23 33.88 4.37 -10.07
C SER B 23 33.74 2.96 -9.53
N GLY B 24 33.80 2.87 -8.20
CA GLY B 24 33.40 1.68 -7.48
C GLY B 24 34.45 0.60 -7.25
N GLY B 25 35.29 0.80 -6.24
CA GLY B 25 36.21 -0.26 -5.87
C GLY B 25 37.38 -0.39 -6.84
N GLY B 26 37.96 -1.59 -6.86
CA GLY B 26 39.05 -1.91 -7.76
C GLY B 26 38.71 -3.11 -8.64
N GLY B 27 39.64 -3.41 -9.55
CA GLY B 27 39.45 -4.56 -10.42
C GLY B 27 39.50 -5.87 -9.65
N SER B 28 40.41 -5.97 -8.69
CA SER B 28 40.52 -7.17 -7.88
C SER B 28 39.42 -7.28 -6.83
N ARG B 29 38.78 -6.18 -6.47
CA ARG B 29 37.72 -6.20 -5.47
C ARG B 29 36.72 -5.09 -5.77
N PRO B 30 35.79 -5.34 -6.69
CA PRO B 30 34.76 -4.34 -6.97
C PRO B 30 33.61 -4.42 -5.98
N TRP B 31 32.94 -3.28 -5.80
CA TRP B 31 31.75 -3.23 -4.97
C TRP B 31 30.73 -2.31 -5.61
N PHE B 32 29.47 -2.46 -5.18
CA PHE B 32 28.34 -1.75 -5.76
C PHE B 32 27.40 -1.35 -4.64
N LEU B 33 27.05 -0.06 -4.59
CA LEU B 33 26.30 0.50 -3.47
C LEU B 33 25.11 1.30 -3.99
N GLU B 34 23.91 0.87 -3.59
CA GLU B 34 22.69 1.64 -3.82
C GLU B 34 22.29 2.28 -2.50
N TYR B 35 22.31 3.62 -2.45
CA TYR B 35 22.25 4.37 -1.21
C TYR B 35 21.22 5.49 -1.36
N CYS B 36 20.30 5.60 -0.39
CA CYS B 36 19.25 6.60 -0.46
C CYS B 36 19.05 7.26 0.90
N LYS B 37 19.06 8.58 0.92
CA LYS B 37 18.81 9.37 2.12
C LYS B 37 17.57 10.24 1.88
N SER B 38 16.52 9.99 2.66
CA SER B 38 15.31 10.80 2.63
C SER B 38 15.35 11.76 3.81
N GLU B 39 15.49 13.04 3.52
CA GLU B 39 15.78 14.05 4.54
C GLU B 39 14.56 14.93 4.74
N CYS B 40 14.04 14.96 5.97
CA CYS B 40 12.99 15.89 6.37
C CYS B 40 13.66 17.09 7.02
N HIS B 41 13.53 18.25 6.40
CA HIS B 41 14.17 19.47 6.88
C HIS B 41 13.15 20.35 7.56
N PHE B 42 13.32 20.56 8.86
CA PHE B 42 12.43 21.39 9.67
C PHE B 42 13.17 22.68 10.00
N TYR B 43 12.84 23.75 9.26
CA TYR B 43 13.49 25.03 9.49
C TYR B 43 12.93 25.75 10.71
N ASN B 44 11.66 25.51 11.04
CA ASN B 44 11.04 26.03 12.24
C ASN B 44 9.92 25.06 12.62
N GLY B 45 10.31 23.90 13.13
CA GLY B 45 9.32 22.87 13.44
C GLY B 45 8.60 22.43 12.19
N THR B 46 7.29 22.20 12.32
CA THR B 46 6.46 21.85 11.18
C THR B 46 5.87 23.06 10.47
N GLN B 47 6.30 24.27 10.83
CA GLN B 47 5.83 25.47 10.14
C GLN B 47 6.38 25.53 8.72
N ARG B 48 7.68 25.28 8.56
CA ARG B 48 8.34 25.28 7.25
C ARG B 48 9.11 23.97 7.13
N VAL B 49 8.65 23.09 6.24
CA VAL B 49 9.22 21.76 6.09
C VAL B 49 9.60 21.55 4.62
N ARG B 50 10.80 21.00 4.40
CA ARG B 50 11.29 20.69 3.07
C ARG B 50 11.72 19.24 3.03
N LEU B 51 11.28 18.51 2.02
CA LEU B 51 11.68 17.13 1.81
C LEU B 51 12.75 17.06 0.72
N LEU B 52 13.87 16.42 1.03
CA LEU B 52 14.97 16.28 0.09
C LEU B 52 15.41 14.81 0.08
N VAL B 53 15.04 14.09 -0.96
CA VAL B 53 15.43 12.69 -1.14
C VAL B 53 16.64 12.66 -2.06
N ARG B 54 17.69 11.95 -1.65
CA ARG B 54 18.95 11.93 -2.37
C ARG B 54 19.36 10.49 -2.65
N TYR B 55 19.67 10.21 -3.92
CA TYR B 55 20.04 8.87 -4.36
C TYR B 55 21.52 8.83 -4.73
N PHE B 56 22.23 7.86 -4.18
CA PHE B 56 23.66 7.68 -4.41
C PHE B 56 23.91 6.30 -5.02
N TYR B 57 24.76 6.26 -6.04
CA TYR B 57 25.31 5.00 -6.54
C TYR B 57 26.82 5.04 -6.33
N ASN B 58 27.32 4.12 -5.51
CA ASN B 58 28.71 4.13 -5.07
C ASN B 58 29.05 5.47 -4.44
N LEU B 59 29.94 6.25 -5.08
CA LEU B 59 30.39 7.52 -4.53
C LEU B 59 29.69 8.72 -5.14
N GLU B 60 28.72 8.51 -6.03
CA GLU B 60 28.18 9.57 -6.87
C GLU B 60 26.70 9.77 -6.55
N GLU B 61 26.36 10.97 -6.09
CA GLU B 61 24.95 11.35 -5.96
C GLU B 61 24.39 11.64 -7.34
N ASN B 62 23.37 10.87 -7.75
CA ASN B 62 22.88 10.96 -9.12
C ASN B 62 21.46 11.48 -9.25
N LEU B 63 20.65 11.44 -8.19
CA LEU B 63 19.25 11.81 -8.30
C LEU B 63 18.78 12.48 -7.02
N ARG B 64 17.88 13.46 -7.18
CA ARG B 64 17.29 14.15 -6.04
C ARG B 64 15.80 14.35 -6.28
N PHE B 65 15.04 14.39 -5.18
CA PHE B 65 13.68 14.91 -5.19
C PHE B 65 13.61 16.05 -4.17
N ASP B 66 13.37 17.26 -4.67
CA ASP B 66 13.26 18.46 -3.85
C ASP B 66 11.80 18.87 -3.83
N SER B 67 11.21 18.94 -2.63
CA SER B 67 9.79 19.26 -2.52
C SER B 67 9.49 20.66 -3.02
N ASP B 68 10.49 21.56 -2.98
CA ASP B 68 10.33 22.88 -3.59
C ASP B 68 10.29 22.79 -5.13
N VAL B 69 10.77 21.70 -5.70
CA VAL B 69 10.64 21.47 -7.13
C VAL B 69 9.36 20.71 -7.46
N GLY B 70 9.04 19.69 -6.68
CA GLY B 70 7.87 18.88 -6.91
C GLY B 70 8.09 17.71 -7.84
N GLU B 71 9.29 17.51 -8.35
CA GLU B 71 9.59 16.41 -9.25
C GLU B 71 11.01 15.94 -9.01
N PHE B 72 11.33 14.76 -9.52
CA PHE B 72 12.70 14.26 -9.46
C PHE B 72 13.56 14.99 -10.47
N ARG B 73 14.81 15.25 -10.09
CA ARG B 73 15.77 15.93 -10.96
C ARG B 73 17.09 15.17 -10.92
N ALA B 74 17.69 14.98 -12.09
CA ALA B 74 18.95 14.26 -12.16
C ALA B 74 20.09 15.17 -11.69
N VAL B 75 20.92 14.64 -10.80
CA VAL B 75 22.15 15.34 -10.41
C VAL B 75 23.29 15.00 -11.36
N THR B 76 23.39 13.73 -11.74
CA THR B 76 24.29 13.29 -12.80
C THR B 76 23.46 12.53 -13.83
N GLU B 77 24.10 12.22 -14.96
CA GLU B 77 23.40 11.52 -16.03
C GLU B 77 22.97 10.12 -15.61
N LEU B 78 23.62 9.55 -14.60
CA LEU B 78 23.25 8.22 -14.13
C LEU B 78 21.85 8.19 -13.52
N GLY B 79 21.34 9.34 -13.08
CA GLY B 79 20.04 9.39 -12.44
C GLY B 79 18.92 9.83 -13.36
N ARG B 80 19.26 10.28 -14.57
CA ARG B 80 18.23 10.78 -15.48
C ARG B 80 17.18 9.73 -15.86
N PRO B 81 17.52 8.46 -16.12
CA PRO B 81 16.45 7.50 -16.43
C PRO B 81 15.44 7.34 -15.30
N ASP B 82 15.89 7.40 -14.05
CA ASP B 82 14.96 7.30 -12.93
C ASP B 82 14.09 8.55 -12.84
N ALA B 83 14.64 9.71 -13.14
CA ALA B 83 13.86 10.94 -13.13
C ALA B 83 12.80 10.91 -14.23
N GLU B 84 13.18 10.50 -15.44
CA GLU B 84 12.22 10.46 -16.54
C GLU B 84 11.16 9.40 -16.30
N ASN B 85 11.54 8.26 -15.73
CA ASN B 85 10.56 7.22 -15.42
C ASN B 85 9.62 7.68 -14.32
N TRP B 86 10.17 8.18 -13.21
CA TRP B 86 9.32 8.50 -12.05
C TRP B 86 8.52 9.77 -12.26
N ASN B 87 9.02 10.72 -13.07
CA ASN B 87 8.24 11.92 -13.35
C ASN B 87 7.10 11.64 -14.32
N SER B 88 7.15 10.54 -15.06
CA SER B 88 6.04 10.15 -15.92
C SER B 88 4.94 9.43 -15.14
N GLN B 89 5.11 9.25 -13.84
CA GLN B 89 4.10 8.62 -12.99
C GLN B 89 3.44 9.69 -12.14
N PRO B 90 2.31 10.24 -12.59
CA PRO B 90 1.72 11.39 -11.85
C PRO B 90 1.33 11.06 -10.43
N GLU B 91 0.82 9.85 -10.19
CA GLU B 91 0.37 9.48 -8.86
C GLU B 91 1.54 9.36 -7.90
N PHE B 92 2.68 8.85 -8.38
CA PHE B 92 3.91 8.87 -7.60
C PHE B 92 4.25 10.29 -7.15
N LEU B 93 4.26 11.22 -8.10
CA LEU B 93 4.64 12.60 -7.78
C LEU B 93 3.69 13.22 -6.77
N GLU B 94 2.39 13.00 -6.93
CA GLU B 94 1.42 13.48 -5.93
C GLU B 94 1.72 12.89 -4.57
N GLN B 95 1.97 11.58 -4.52
CA GLN B 95 2.24 10.91 -3.24
C GLN B 95 3.55 11.42 -2.64
N LYS B 96 4.55 11.66 -3.48
CA LYS B 96 5.84 12.13 -2.99
C LYS B 96 5.72 13.53 -2.39
N ARG B 97 5.01 14.43 -3.07
CA ARG B 97 4.85 15.79 -2.56
C ARG B 97 4.11 15.82 -1.23
N ALA B 98 3.20 14.87 -1.01
CA ALA B 98 2.44 14.83 0.22
C ALA B 98 3.24 14.31 1.40
N GLU B 99 4.44 13.77 1.17
CA GLU B 99 5.20 13.16 2.25
C GLU B 99 5.82 14.18 3.19
N VAL B 100 5.82 15.47 2.84
CA VAL B 100 6.17 16.49 3.83
C VAL B 100 5.17 16.47 4.98
N ASP B 101 3.94 16.01 4.71
CA ASP B 101 2.90 15.85 5.72
C ASP B 101 2.77 14.40 6.19
N THR B 102 2.66 13.46 5.25
CA THR B 102 2.39 12.08 5.62
C THR B 102 3.59 11.39 6.25
N VAL B 103 4.80 11.95 6.13
CA VAL B 103 5.97 11.34 6.73
C VAL B 103 6.70 12.34 7.62
N CYS B 104 7.08 13.47 7.03
CA CYS B 104 7.94 14.43 7.73
C CYS B 104 7.23 15.03 8.94
N ARG B 105 6.11 15.72 8.70
CA ARG B 105 5.39 16.34 9.82
C ARG B 105 4.76 15.29 10.72
N HIS B 106 4.41 14.12 10.18
CA HIS B 106 3.90 13.04 11.01
C HIS B 106 4.95 12.57 12.02
N ASN B 107 6.18 12.36 11.55
CA ASN B 107 7.22 11.85 12.45
C ASN B 107 7.72 12.92 13.40
N TYR B 108 7.68 14.20 12.98
CA TYR B 108 8.15 15.26 13.86
C TYR B 108 7.31 15.36 15.13
N GLU B 109 5.98 15.26 14.98
CA GLU B 109 5.10 15.34 16.14
C GLU B 109 5.38 14.24 17.15
N ILE B 110 5.80 13.07 16.66
CA ILE B 110 6.19 11.99 17.57
C ILE B 110 7.53 12.31 18.22
N PHE B 111 8.52 12.69 17.41
CA PHE B 111 9.84 13.02 17.94
C PHE B 111 9.84 14.29 18.77
N ASP B 112 8.85 15.17 18.59
CA ASP B 112 8.72 16.36 19.42
C ASP B 112 8.44 16.02 20.86
N ASN B 113 8.07 14.79 21.17
CA ASN B 113 7.73 14.40 22.54
C ASN B 113 8.96 14.02 23.37
N PHE B 114 10.08 13.67 22.74
CA PHE B 114 11.21 13.15 23.51
C PHE B 114 12.56 13.52 22.90
N LEU B 115 12.65 13.60 21.58
CA LEU B 115 13.93 13.94 20.95
C LEU B 115 14.17 15.44 20.94
N VAL B 116 13.17 16.22 20.52
CA VAL B 116 13.32 17.68 20.47
C VAL B 116 13.59 18.29 21.84
N PRO B 117 12.84 17.97 22.90
CA PRO B 117 13.09 18.60 24.20
C PRO B 117 14.25 18.01 25.00
N ARG B 118 15.02 17.09 24.42
CA ARG B 118 16.10 16.44 25.17
C ARG B 118 17.16 17.46 25.59
N ARG B 119 17.53 17.42 26.88
CA ARG B 119 18.52 18.32 27.43
C ARG B 119 19.43 17.55 28.38
N VAL B 120 20.73 17.65 28.17
CA VAL B 120 21.73 17.11 29.09
C VAL B 120 22.68 18.23 29.47
N GLU B 121 22.88 18.42 30.77
CA GLU B 121 23.66 19.55 31.24
C GLU B 121 25.15 19.29 31.03
N PRO B 122 25.91 20.29 30.60
CA PRO B 122 27.34 20.09 30.38
C PRO B 122 28.12 20.03 31.69
N THR B 123 29.20 19.26 31.67
CA THR B 123 30.16 19.23 32.76
C THR B 123 31.36 20.09 32.37
N VAL B 124 31.70 21.05 33.22
CA VAL B 124 32.71 22.06 32.90
C VAL B 124 33.88 21.89 33.86
N THR B 125 35.09 21.76 33.30
CA THR B 125 36.31 21.60 34.08
C THR B 125 37.41 22.43 33.43
N VAL B 126 38.25 23.04 34.28
CA VAL B 126 39.35 23.89 33.82
C VAL B 126 40.64 23.42 34.50
N TYR B 127 41.67 23.16 33.70
CA TYR B 127 42.96 22.72 34.20
C TYR B 127 44.07 23.21 33.28
N PRO B 128 45.20 23.62 33.82
CA PRO B 128 46.34 24.00 32.98
C PRO B 128 47.08 22.79 32.45
N THR B 129 47.90 23.03 31.43
CA THR B 129 48.74 22.00 30.83
C THR B 129 50.12 22.57 30.53
N LYS B 130 51.11 21.68 30.50
CA LYS B 130 52.49 22.04 30.19
C LYS B 130 53.01 23.16 31.09
N ASN B 138 51.35 29.41 28.93
CA ASN B 138 50.99 28.01 28.76
C ASN B 138 49.62 27.87 28.11
N LEU B 139 48.95 26.75 28.38
CA LEU B 139 47.64 26.46 27.79
C LEU B 139 46.64 26.20 28.90
N LEU B 140 45.59 27.01 28.94
CA LEU B 140 44.48 26.81 29.86
C LEU B 140 43.37 26.04 29.13
N VAL B 141 43.03 24.86 29.64
CA VAL B 141 42.05 23.99 29.01
C VAL B 141 40.72 24.15 29.72
N CYS B 142 39.66 24.44 28.95
CA CYS B 142 38.29 24.42 29.46
C CYS B 142 37.60 23.22 28.84
N SER B 143 37.35 22.19 29.66
CA SER B 143 36.71 20.97 29.19
C SER B 143 35.21 21.06 29.43
N VAL B 144 34.44 21.00 28.35
CA VAL B 144 32.98 20.99 28.41
C VAL B 144 32.53 19.69 27.77
N SER B 145 31.98 18.78 28.57
CA SER B 145 31.70 17.43 28.13
C SER B 145 30.27 17.02 28.49
N ASP B 146 29.78 16.00 27.78
CA ASP B 146 28.56 15.29 28.15
C ASP B 146 27.34 16.21 28.17
N PHE B 147 27.09 16.88 27.06
CA PHE B 147 25.97 17.79 26.94
C PHE B 147 25.18 17.51 25.67
N TYR B 148 23.90 17.90 25.70
CA TYR B 148 23.01 17.81 24.55
C TYR B 148 21.95 18.89 24.71
N PRO B 149 21.56 19.59 23.62
CA PRO B 149 22.05 19.41 22.24
C PRO B 149 23.42 20.02 21.98
N GLY B 150 23.78 20.14 20.71
CA GLY B 150 25.09 20.64 20.33
C GLY B 150 25.27 22.13 20.46
N ASN B 151 24.18 22.89 20.38
CA ASN B 151 24.25 24.36 20.51
C ASN B 151 24.89 24.76 21.82
N ILE B 152 26.11 25.30 21.76
CA ILE B 152 26.84 25.69 22.97
C ILE B 152 27.82 26.79 22.60
N GLU B 153 28.12 27.64 23.57
CA GLU B 153 29.10 28.71 23.42
C GLU B 153 30.06 28.65 24.60
N VAL B 154 31.35 28.57 24.31
CA VAL B 154 32.39 28.45 25.32
C VAL B 154 33.36 29.61 25.11
N ARG B 155 33.38 30.55 26.06
CA ARG B 155 34.18 31.75 25.95
C ARG B 155 35.21 31.81 27.07
N TRP B 156 36.43 32.24 26.73
CA TRP B 156 37.48 32.48 27.70
C TRP B 156 37.52 33.95 28.05
N PHE B 157 37.61 34.25 29.35
CA PHE B 157 37.70 35.62 29.85
C PHE B 157 38.98 35.76 30.65
N ARG B 158 39.72 36.85 30.41
CA ARG B 158 40.88 37.20 31.20
C ARG B 158 40.59 38.53 31.90
N ASN B 159 40.52 38.49 33.23
CA ASN B 159 40.15 39.66 34.03
C ASN B 159 38.80 40.23 33.58
N GLY B 160 37.86 39.34 33.32
CA GLY B 160 36.53 39.74 32.91
C GLY B 160 36.41 40.28 31.50
N LYS B 161 37.52 40.41 30.77
CA LYS B 161 37.50 40.86 29.38
C LYS B 161 37.67 39.66 28.46
N GLU B 162 36.73 39.48 27.53
CA GLU B 162 36.71 38.30 26.68
C GLU B 162 37.97 38.23 25.81
N GLU B 163 38.64 37.08 25.84
CA GLU B 163 39.84 36.85 25.05
C GLU B 163 39.42 36.27 23.70
N LYS B 164 39.74 37.00 22.62
CA LYS B 164 39.34 36.61 21.27
C LYS B 164 40.50 36.10 20.43
N THR B 165 41.70 35.99 21.00
CA THR B 165 42.87 35.51 20.28
C THR B 165 43.60 34.51 21.17
N GLY B 166 44.34 33.61 20.54
CA GLY B 166 45.01 32.54 21.25
C GLY B 166 44.11 31.37 21.59
N ILE B 167 42.89 31.34 21.08
CA ILE B 167 41.95 30.25 21.33
C ILE B 167 42.28 29.09 20.42
N VAL B 168 42.49 27.91 21.00
CA VAL B 168 42.70 26.67 20.27
C VAL B 168 41.64 25.68 20.73
N SER B 169 40.76 25.28 19.82
CA SER B 169 39.61 24.46 20.17
C SER B 169 39.58 23.21 19.29
N THR B 170 39.00 22.15 19.86
CA THR B 170 38.67 20.95 19.09
C THR B 170 37.41 21.12 18.25
N GLY B 171 36.64 22.18 18.49
CA GLY B 171 35.33 22.29 17.90
C GLY B 171 34.35 21.34 18.57
N LEU B 172 33.12 21.37 18.09
CA LEU B 172 32.09 20.46 18.61
C LEU B 172 32.45 19.02 18.24
N VAL B 173 32.52 18.17 19.25
CA VAL B 173 32.87 16.76 19.07
C VAL B 173 31.63 15.92 19.36
N ARG B 174 31.20 15.14 18.37
CA ARG B 174 30.04 14.28 18.50
C ARG B 174 30.49 12.91 19.01
N ASN B 175 29.93 12.49 20.15
CA ASN B 175 30.32 11.23 20.75
C ASN B 175 29.58 10.03 20.14
N GLY B 176 28.53 10.26 19.36
CA GLY B 176 27.79 9.20 18.72
C GLY B 176 26.75 8.51 19.58
N ASP B 177 26.62 8.89 20.85
CA ASP B 177 25.67 8.30 21.78
C ASP B 177 24.71 9.35 22.33
N TRP B 178 24.46 10.39 21.55
CA TRP B 178 23.60 11.52 21.91
C TRP B 178 24.21 12.39 23.01
N THR B 179 25.54 12.45 23.06
CA THR B 179 26.25 13.41 23.90
C THR B 179 27.30 14.13 23.06
N PHE B 180 27.65 15.34 23.49
CA PHE B 180 28.70 16.12 22.86
C PHE B 180 29.79 16.44 23.87
N GLN B 181 30.96 16.83 23.35
CA GLN B 181 32.05 17.31 24.17
C GLN B 181 32.87 18.29 23.36
N THR B 182 33.67 19.09 24.04
CA THR B 182 34.56 20.04 23.38
C THR B 182 35.66 20.45 24.34
N LEU B 183 36.80 20.82 23.76
CA LEU B 183 37.93 21.36 24.51
C LEU B 183 38.27 22.71 23.91
N VAL B 184 38.12 23.76 24.70
CA VAL B 184 38.43 25.13 24.29
C VAL B 184 39.60 25.59 25.13
N MET B 185 40.74 25.80 24.48
CA MET B 185 42.01 26.04 25.16
C MET B 185 42.52 27.44 24.85
N LEU B 186 43.11 28.08 25.85
CA LEU B 186 43.58 29.45 25.75
C LEU B 186 45.09 29.49 25.94
N GLU B 187 45.79 30.05 24.95
CA GLU B 187 47.24 30.25 25.03
C GLU B 187 47.49 31.59 25.71
N THR B 188 47.90 31.54 26.98
CA THR B 188 48.20 32.74 27.74
C THR B 188 49.52 32.60 28.47
N VAL B 189 50.17 33.74 28.69
CA VAL B 189 51.29 33.86 29.62
C VAL B 189 50.76 34.64 30.82
N PRO B 190 50.55 34.00 31.96
CA PRO B 190 49.74 34.62 33.01
C PRO B 190 50.51 35.48 34.01
N GLN B 191 50.10 36.73 34.13
CA GLN B 191 50.66 37.62 35.14
C GLN B 191 50.02 37.32 36.49
N SER B 192 50.75 37.67 37.55
CA SER B 192 50.32 37.37 38.91
C SER B 192 48.99 38.05 39.22
N GLY B 193 48.05 37.27 39.76
CA GLY B 193 46.75 37.79 40.13
C GLY B 193 45.73 37.84 39.02
N GLU B 194 46.06 37.34 37.83
CA GLU B 194 45.12 37.39 36.72
C GLU B 194 44.03 36.34 36.91
N VAL B 195 42.78 36.75 36.68
CA VAL B 195 41.63 35.86 36.84
C VAL B 195 41.17 35.42 35.45
N TYR B 196 41.22 34.11 35.21
CA TYR B 196 40.76 33.52 33.97
C TYR B 196 39.44 32.82 34.20
N THR B 197 38.45 33.11 33.37
CA THR B 197 37.10 32.59 33.53
C THR B 197 36.65 31.96 32.23
N CYS B 198 36.23 30.70 32.30
CA CYS B 198 35.59 30.02 31.18
C CYS B 198 34.08 30.07 31.39
N GLN B 199 33.36 30.66 30.44
CA GLN B 199 31.92 30.82 30.53
C GLN B 199 31.25 29.93 29.50
N VAL B 200 30.20 29.22 29.92
CA VAL B 200 29.48 28.29 29.07
C VAL B 200 28.01 28.65 29.09
N GLU B 201 27.41 28.77 27.91
CA GLU B 201 25.98 28.99 27.76
C GLU B 201 25.39 27.86 26.92
N HIS B 202 24.27 27.30 27.37
CA HIS B 202 23.71 26.11 26.78
C HIS B 202 22.21 26.09 27.04
N PRO B 203 21.40 25.52 26.14
CA PRO B 203 19.95 25.48 26.37
C PRO B 203 19.56 24.76 27.65
N SER B 204 20.39 23.84 28.15
CA SER B 204 20.10 23.16 29.40
C SER B 204 20.31 24.04 30.63
N LEU B 205 20.89 25.23 30.45
CA LEU B 205 21.27 26.09 31.55
C LEU B 205 20.38 27.33 31.57
N THR B 206 19.71 27.56 32.70
CA THR B 206 18.97 28.80 32.87
C THR B 206 19.91 29.99 33.03
N ASP B 207 21.08 29.77 33.62
CA ASP B 207 22.08 30.80 33.84
C ASP B 207 23.44 30.29 33.39
N PRO B 208 24.29 31.17 32.86
CA PRO B 208 25.60 30.73 32.37
C PRO B 208 26.44 30.10 33.48
N VAL B 209 27.12 29.02 33.15
CA VAL B 209 28.02 28.34 34.08
C VAL B 209 29.39 28.99 33.97
N THR B 210 29.99 29.29 35.13
CA THR B 210 31.25 30.00 35.20
C THR B 210 32.25 29.22 36.05
N VAL B 211 33.43 28.98 35.50
CA VAL B 211 34.53 28.34 36.22
C VAL B 211 35.73 29.26 36.15
N GLU B 212 36.31 29.58 37.31
CA GLU B 212 37.39 30.55 37.41
C GLU B 212 38.72 29.86 37.65
N TRP B 213 39.79 30.51 37.20
CA TRP B 213 41.16 30.07 37.43
C TRP B 213 42.03 31.30 37.63
N LYS B 214 42.74 31.34 38.75
CA LYS B 214 43.55 32.49 39.13
C LYS B 214 45.03 32.16 38.94
N ALA B 215 45.78 33.11 38.40
CA ALA B 215 47.20 32.93 38.19
C ALA B 215 47.98 33.22 39.47
N GLN C 8 -9.52 -2.45 8.98
CA GLN C 8 -10.64 -1.96 8.16
C GLN C 8 -10.85 -0.47 8.39
N VAL C 9 -11.19 0.25 7.32
CA VAL C 9 -11.41 1.68 7.37
C VAL C 9 -12.90 1.94 7.60
N GLU C 10 -13.21 2.90 8.48
CA GLU C 10 -14.60 3.26 8.73
C GLU C 10 -15.15 4.06 7.56
N GLN C 11 -16.21 3.54 6.94
CA GLN C 11 -16.85 4.16 5.79
C GLN C 11 -18.35 4.29 6.05
N SER C 12 -18.94 5.39 5.59
CA SER C 12 -20.36 5.62 5.73
C SER C 12 -20.82 6.49 4.57
N PRO C 13 -22.11 6.42 4.19
CA PRO C 13 -23.12 5.52 4.78
C PRO C 13 -22.93 4.08 4.32
N SER C 14 -23.48 3.11 5.06
CA SER C 14 -23.35 1.73 4.65
C SER C 14 -24.22 1.44 3.43
N ALA C 15 -25.34 2.14 3.28
CA ALA C 15 -26.21 2.01 2.13
C ALA C 15 -26.70 3.39 1.73
N LEU C 16 -27.06 3.53 0.46
CA LEU C 16 -27.49 4.81 -0.07
C LEU C 16 -28.39 4.59 -1.28
N SER C 17 -29.62 5.10 -1.21
CA SER C 17 -30.56 5.08 -2.32
C SER C 17 -30.67 6.50 -2.87
N LEU C 18 -30.39 6.66 -4.15
CA LEU C 18 -30.30 7.97 -4.78
C LEU C 18 -31.23 8.03 -5.98
N HIS C 19 -32.14 9.01 -5.97
CA HIS C 19 -32.98 9.24 -7.15
C HIS C 19 -32.11 9.65 -8.33
N GLU C 20 -32.49 9.21 -9.51
CA GLU C 20 -31.74 9.51 -10.73
C GLU C 20 -31.64 11.01 -10.93
N GLY C 21 -30.41 11.51 -11.04
CA GLY C 21 -30.16 12.91 -11.26
C GLY C 21 -29.85 13.72 -10.01
N THR C 22 -29.78 13.10 -8.85
CA THR C 22 -29.50 13.79 -7.59
C THR C 22 -28.07 13.51 -7.15
N GLY C 23 -27.69 14.11 -6.02
CA GLY C 23 -26.33 13.99 -5.54
C GLY C 23 -26.28 13.62 -4.06
N SER C 24 -25.13 13.10 -3.66
CA SER C 24 -24.86 12.72 -2.28
C SER C 24 -23.35 12.54 -2.14
N ALA C 25 -22.91 12.22 -0.93
CA ALA C 25 -21.49 12.13 -0.62
C ALA C 25 -21.22 10.94 0.30
N LEU C 26 -20.08 10.29 0.08
CA LEU C 26 -19.57 9.25 0.95
C LEU C 26 -18.33 9.76 1.67
N ARG C 27 -17.96 9.09 2.76
CA ARG C 27 -16.84 9.54 3.56
C ARG C 27 -16.15 8.34 4.21
N CYS C 28 -14.84 8.45 4.35
CA CYS C 28 -14.02 7.43 5.00
C CYS C 28 -13.15 8.09 6.06
N ASN C 29 -13.22 7.57 7.28
CA ASN C 29 -12.40 8.05 8.39
C ASN C 29 -11.22 7.11 8.60
N PHE C 30 -10.02 7.67 8.72
CA PHE C 30 -8.81 6.90 8.93
C PHE C 30 -8.30 7.15 10.35
N THR C 31 -7.89 6.08 11.02
CA THR C 31 -7.34 6.16 12.37
C THR C 31 -5.84 6.44 12.38
N THR C 32 -5.22 6.61 11.21
CA THR C 32 -3.79 6.85 11.14
C THR C 32 -3.47 7.55 9.83
N THR C 33 -2.23 7.99 9.70
CA THR C 33 -1.80 8.71 8.51
C THR C 33 -1.72 7.76 7.32
N MET C 34 -2.34 8.17 6.21
CA MET C 34 -2.35 7.39 4.98
C MET C 34 -1.48 8.06 3.93
N ARG C 35 -0.73 7.26 3.18
CA ARG C 35 0.05 7.80 2.08
C ARG C 35 -0.86 8.37 1.00
N ALA C 36 -1.89 7.62 0.63
CA ALA C 36 -2.83 8.01 -0.41
C ALA C 36 -4.06 7.15 -0.27
N VAL C 37 -5.13 7.53 -0.97
CA VAL C 37 -6.40 6.83 -0.92
C VAL C 37 -6.91 6.61 -2.33
N GLN C 38 -7.38 5.39 -2.60
CA GLN C 38 -8.06 5.06 -3.84
C GLN C 38 -9.56 4.89 -3.59
N TRP C 39 -10.36 5.24 -4.60
CA TRP C 39 -11.80 5.01 -4.56
C TRP C 39 -12.19 4.06 -5.69
N PHE C 40 -13.04 3.10 -5.35
CA PHE C 40 -13.48 2.08 -6.29
C PHE C 40 -15.00 2.07 -6.40
N GLN C 41 -15.49 1.63 -7.56
CA GLN C 41 -16.88 1.28 -7.76
C GLN C 41 -16.94 -0.18 -8.20
N GLN C 42 -17.38 -1.05 -7.30
CA GLN C 42 -17.57 -2.46 -7.62
C GLN C 42 -18.96 -2.63 -8.19
N ASN C 43 -19.04 -2.92 -9.49
CA ASN C 43 -20.33 -3.02 -10.17
C ASN C 43 -21.00 -4.34 -9.81
N SER C 44 -22.17 -4.58 -10.42
CA SER C 44 -22.88 -5.84 -10.19
C SER C 44 -22.06 -7.02 -10.66
N ARG C 45 -21.20 -6.82 -11.67
CA ARG C 45 -20.32 -7.88 -12.15
C ARG C 45 -19.26 -8.26 -11.13
N GLY C 46 -19.03 -7.42 -10.11
CA GLY C 46 -18.02 -7.69 -9.11
C GLY C 46 -16.65 -7.15 -9.44
N SER C 47 -16.50 -6.36 -10.51
CA SER C 47 -15.21 -5.81 -10.90
C SER C 47 -15.04 -4.42 -10.30
N LEU C 48 -13.86 -4.17 -9.72
CA LEU C 48 -13.57 -2.90 -9.08
C LEU C 48 -13.12 -1.88 -10.14
N ILE C 49 -13.89 -0.80 -10.28
CA ILE C 49 -13.60 0.24 -11.25
C ILE C 49 -12.88 1.37 -10.52
N ASN C 50 -11.67 1.71 -10.99
CA ASN C 50 -10.90 2.77 -10.38
C ASN C 50 -11.57 4.12 -10.65
N LEU C 51 -11.80 4.88 -9.58
CA LEU C 51 -12.41 6.20 -9.68
C LEU C 51 -11.42 7.33 -9.41
N PHE C 52 -10.60 7.21 -8.37
CA PHE C 52 -9.70 8.28 -7.98
C PHE C 52 -8.47 7.71 -7.29
N TYR C 53 -7.35 8.40 -7.46
CA TYR C 53 -6.15 8.23 -6.64
C TYR C 53 -5.80 9.58 -6.06
N LEU C 54 -5.82 9.70 -4.73
CA LEU C 54 -5.61 10.97 -4.06
C LEU C 54 -4.52 10.83 -3.00
N ALA C 55 -3.51 11.69 -3.09
CA ALA C 55 -2.56 11.87 -2.01
C ALA C 55 -2.82 13.14 -1.22
N SER C 56 -3.61 14.06 -1.78
CA SER C 56 -3.98 15.33 -1.16
C SER C 56 -4.95 16.03 -2.10
N GLY C 57 -5.58 17.08 -1.61
CA GLY C 57 -6.40 17.93 -2.45
C GLY C 57 -7.66 17.27 -2.98
N THR C 58 -8.12 17.79 -4.12
CA THR C 58 -9.39 17.40 -4.70
C THR C 58 -9.20 17.09 -6.19
N LYS C 59 -9.81 15.99 -6.62
CA LYS C 59 -9.85 15.61 -8.03
C LYS C 59 -11.30 15.47 -8.48
N GLU C 60 -11.53 15.73 -9.77
CA GLU C 60 -12.86 15.64 -10.36
C GLU C 60 -12.80 14.76 -11.59
N ASN C 61 -13.72 13.80 -11.67
CA ASN C 61 -13.79 12.84 -12.77
C ASN C 61 -15.24 12.76 -13.22
N GLY C 62 -15.58 13.56 -14.23
CA GLY C 62 -16.93 13.52 -14.77
C GLY C 62 -17.91 14.01 -13.73
N ARG C 63 -18.88 13.17 -13.40
CA ARG C 63 -19.86 13.46 -12.36
C ARG C 63 -19.38 13.09 -10.96
N LEU C 64 -18.15 12.62 -10.82
CA LEU C 64 -17.57 12.26 -9.54
C LEU C 64 -16.56 13.31 -9.10
N LYS C 65 -16.34 13.36 -7.79
CA LYS C 65 -15.44 14.33 -7.19
C LYS C 65 -15.00 13.79 -5.83
N SER C 66 -13.72 13.93 -5.53
CA SER C 66 -13.15 13.32 -4.34
C SER C 66 -12.10 14.22 -3.72
N THR C 67 -12.06 14.23 -2.39
CA THR C 67 -11.11 15.01 -1.61
C THR C 67 -10.43 14.11 -0.59
N PHE C 68 -9.15 14.38 -0.34
CA PHE C 68 -8.39 13.66 0.69
C PHE C 68 -7.64 14.66 1.55
N ASN C 69 -7.84 14.57 2.87
CA ASN C 69 -7.13 15.38 3.84
C ASN C 69 -6.34 14.42 4.73
N SER C 70 -5.01 14.42 4.57
CA SER C 70 -4.18 13.48 5.31
C SER C 70 -4.06 13.87 6.78
N LYS C 71 -3.93 15.17 7.06
CA LYS C 71 -3.80 15.61 8.45
C LYS C 71 -5.05 15.29 9.25
N GLU C 72 -6.22 15.68 8.73
CA GLU C 72 -7.48 15.36 9.40
C GLU C 72 -7.92 13.92 9.16
N SER C 73 -7.22 13.18 8.30
CA SER C 73 -7.35 11.73 8.18
C SER C 73 -8.77 11.33 7.76
N TYR C 74 -9.19 11.87 6.61
CA TYR C 74 -10.47 11.48 6.04
C TYR C 74 -10.46 11.73 4.54
N SER C 75 -11.37 11.06 3.85
CA SER C 75 -11.54 11.20 2.41
C SER C 75 -13.02 11.11 2.08
N THR C 76 -13.45 11.90 1.08
CA THR C 76 -14.84 11.94 0.68
C THR C 76 -14.97 11.69 -0.81
N LEU C 77 -16.15 11.22 -1.22
CA LEU C 77 -16.48 11.01 -2.62
C LEU C 77 -17.85 11.59 -2.89
N HIS C 78 -17.94 12.50 -3.86
CA HIS C 78 -19.18 13.17 -4.20
C HIS C 78 -19.68 12.68 -5.56
N ILE C 79 -20.95 12.30 -5.61
CA ILE C 79 -21.61 11.91 -6.84
C ILE C 79 -22.70 12.93 -7.13
N ARG C 80 -22.79 13.39 -8.37
CA ARG C 80 -23.82 14.32 -8.80
C ARG C 80 -24.45 13.81 -10.08
N ASP C 81 -25.68 14.26 -10.33
CA ASP C 81 -26.45 13.88 -11.52
C ASP C 81 -26.44 12.36 -11.69
N ALA C 82 -26.91 11.68 -10.65
CA ALA C 82 -26.76 10.23 -10.55
C ALA C 82 -27.40 9.53 -11.74
N GLN C 83 -26.65 8.60 -12.34
CA GLN C 83 -27.11 7.79 -13.46
C GLN C 83 -27.23 6.34 -13.03
N LEU C 84 -27.98 5.56 -13.82
CA LEU C 84 -28.22 4.16 -13.47
C LEU C 84 -26.92 3.38 -13.40
N GLU C 85 -25.96 3.70 -14.28
CA GLU C 85 -24.69 2.98 -14.28
C GLU C 85 -23.82 3.29 -13.07
N ASP C 86 -24.18 4.30 -12.28
CA ASP C 86 -23.43 4.60 -11.06
C ASP C 86 -23.70 3.59 -9.96
N SER C 87 -24.67 2.69 -10.13
CA SER C 87 -25.00 1.72 -9.09
C SER C 87 -23.85 0.77 -8.85
N GLY C 88 -23.72 0.32 -7.61
CA GLY C 88 -22.64 -0.57 -7.23
C GLY C 88 -22.27 -0.32 -5.78
N THR C 89 -21.22 -1.02 -5.35
CA THR C 89 -20.69 -0.88 -4.00
C THR C 89 -19.40 -0.06 -4.07
N TYR C 90 -19.41 1.10 -3.43
CA TYR C 90 -18.27 2.01 -3.49
C TYR C 90 -17.35 1.78 -2.30
N PHE C 91 -16.05 1.73 -2.58
CA PHE C 91 -15.03 1.49 -1.57
C PHE C 91 -13.96 2.57 -1.63
N CYS C 92 -13.52 3.00 -0.46
CA CYS C 92 -12.25 3.69 -0.31
C CYS C 92 -11.19 2.68 0.12
N ALA C 93 -9.94 2.99 -0.22
CA ALA C 93 -8.82 2.13 0.16
C ALA C 93 -7.57 2.98 0.23
N ALA C 94 -6.76 2.74 1.25
CA ALA C 94 -5.62 3.59 1.53
C ALA C 94 -4.43 2.75 1.97
N LEU C 95 -3.24 3.33 1.83
CA LEU C 95 -1.99 2.76 2.31
C LEU C 95 -1.66 3.37 3.67
N ARG C 96 -1.46 2.52 4.67
CA ARG C 96 -0.98 2.98 5.97
C ARG C 96 0.46 3.45 5.83
N ALA C 97 0.68 4.75 6.03
CA ALA C 97 2.04 5.29 5.99
C ALA C 97 2.91 4.70 7.09
N THR C 98 2.31 4.23 8.18
CA THR C 98 3.03 3.60 9.27
C THR C 98 3.05 2.08 9.16
N GLY C 99 2.36 1.51 8.17
CA GLY C 99 2.25 0.07 8.05
C GLY C 99 3.39 -0.51 7.24
N GLY C 100 4.05 -1.52 7.81
CA GLY C 100 5.09 -2.22 7.08
C GLY C 100 4.55 -3.06 5.94
N ASN C 101 3.33 -3.58 6.11
CA ASN C 101 2.68 -4.34 5.05
C ASN C 101 2.27 -3.39 3.92
N ASN C 102 2.81 -3.63 2.73
CA ASN C 102 2.43 -2.85 1.55
C ASN C 102 1.13 -3.42 1.01
N LYS C 103 0.01 -2.81 1.38
CA LYS C 103 -1.29 -3.32 1.02
C LYS C 103 -2.32 -2.21 1.14
N LEU C 104 -3.43 -2.38 0.43
CA LEU C 104 -4.56 -1.47 0.55
C LEU C 104 -5.47 -1.92 1.69
N THR C 105 -5.86 -0.97 2.53
CA THR C 105 -6.83 -1.21 3.60
C THR C 105 -8.16 -0.63 3.15
N PHE C 106 -9.18 -1.49 3.05
CA PHE C 106 -10.45 -1.13 2.44
C PHE C 106 -11.47 -0.68 3.48
N GLY C 107 -12.32 0.26 3.08
CA GLY C 107 -13.44 0.65 3.91
C GLY C 107 -14.54 -0.39 3.88
N GLN C 108 -15.51 -0.20 4.77
CA GLN C 108 -16.62 -1.14 4.86
C GLN C 108 -17.46 -1.15 3.58
N GLY C 109 -17.54 -0.03 2.88
CA GLY C 109 -18.23 0.03 1.63
C GLY C 109 -19.59 0.70 1.73
N THR C 110 -20.04 1.28 0.62
CA THR C 110 -21.35 1.90 0.52
C THR C 110 -22.10 1.26 -0.65
N VAL C 111 -23.25 0.65 -0.36
CA VAL C 111 -24.09 0.03 -1.37
C VAL C 111 -25.00 1.10 -1.94
N LEU C 112 -24.73 1.54 -3.16
CA LEU C 112 -25.46 2.62 -3.79
C LEU C 112 -26.47 2.06 -4.80
N SER C 113 -27.72 2.49 -4.67
CA SER C 113 -28.79 2.13 -5.59
C SER C 113 -29.33 3.41 -6.22
N VAL C 114 -29.43 3.43 -7.54
CA VAL C 114 -29.92 4.59 -8.28
C VAL C 114 -31.36 4.33 -8.67
N ILE C 115 -32.28 5.10 -8.09
CA ILE C 115 -33.71 4.96 -8.35
C ILE C 115 -34.02 5.45 -9.76
N PRO C 116 -34.54 4.61 -10.64
CA PRO C 116 -34.83 5.06 -12.00
C PRO C 116 -36.01 6.02 -12.03
N ASP C 117 -35.86 7.09 -12.82
CA ASP C 117 -36.91 8.09 -12.97
C ASP C 117 -37.82 7.68 -14.12
N ILE C 118 -39.02 7.21 -13.78
CA ILE C 118 -39.99 6.74 -14.77
C ILE C 118 -40.95 7.87 -15.08
N GLN C 119 -40.91 8.35 -16.33
CA GLN C 119 -41.68 9.52 -16.71
C GLN C 119 -43.17 9.21 -16.80
N ASN C 120 -43.54 8.26 -17.66
CA ASN C 120 -44.93 7.90 -17.90
C ASN C 120 -45.16 6.47 -17.44
N PRO C 121 -45.51 6.26 -16.17
CA PRO C 121 -45.77 4.90 -15.69
C PRO C 121 -46.98 4.29 -16.36
N ASP C 122 -46.92 2.99 -16.56
CA ASP C 122 -48.01 2.25 -17.18
C ASP C 122 -48.15 0.88 -16.51
N PRO C 123 -48.50 0.82 -15.23
CA PRO C 123 -48.46 -0.46 -14.52
C PRO C 123 -49.36 -1.51 -15.16
N ALA C 124 -48.82 -2.70 -15.38
CA ALA C 124 -49.56 -3.77 -16.03
C ALA C 124 -48.92 -5.10 -15.68
N VAL C 125 -49.76 -6.13 -15.61
CA VAL C 125 -49.33 -7.50 -15.35
C VAL C 125 -49.73 -8.34 -16.54
N TYR C 126 -48.76 -8.86 -17.28
CA TYR C 126 -49.01 -9.66 -18.46
C TYR C 126 -48.64 -11.11 -18.19
N GLN C 127 -49.24 -12.00 -18.97
CA GLN C 127 -48.91 -13.42 -18.96
C GLN C 127 -48.13 -13.76 -20.22
N LEU C 128 -47.02 -14.47 -20.05
CA LEU C 128 -46.15 -14.84 -21.16
C LEU C 128 -46.10 -16.35 -21.27
N ARG C 129 -46.43 -16.88 -22.44
CA ARG C 129 -46.41 -18.31 -22.67
C ARG C 129 -44.99 -18.77 -23.00
N ASP C 130 -44.63 -19.94 -22.50
CA ASP C 130 -43.33 -20.52 -22.80
C ASP C 130 -43.22 -20.85 -24.28
N SER C 131 -42.09 -20.50 -24.88
CA SER C 131 -41.89 -20.77 -26.30
C SER C 131 -41.91 -22.26 -26.61
N LYS C 132 -41.47 -23.09 -25.66
CA LYS C 132 -41.43 -24.53 -25.89
C LYS C 132 -42.74 -25.23 -25.55
N SER C 133 -43.59 -24.63 -24.72
CA SER C 133 -44.82 -25.28 -24.30
C SER C 133 -45.83 -24.23 -23.84
N SER C 134 -47.09 -24.42 -24.26
CA SER C 134 -48.17 -23.55 -23.79
C SER C 134 -48.56 -23.84 -22.34
N ASP C 135 -48.12 -24.98 -21.79
CA ASP C 135 -48.43 -25.31 -20.41
C ASP C 135 -47.74 -24.34 -19.44
N LYS C 136 -46.44 -24.13 -19.64
CA LYS C 136 -45.67 -23.29 -18.73
C LYS C 136 -45.82 -21.82 -19.11
N SER C 137 -45.84 -20.96 -18.09
CA SER C 137 -46.07 -19.54 -18.30
C SER C 137 -45.56 -18.75 -17.10
N VAL C 138 -45.28 -17.47 -17.35
CA VAL C 138 -44.83 -16.55 -16.32
C VAL C 138 -45.72 -15.32 -16.33
N CYS C 139 -45.63 -14.53 -15.26
CA CYS C 139 -46.36 -13.28 -15.13
C CYS C 139 -45.35 -12.14 -15.04
N LEU C 140 -45.60 -11.07 -15.80
CA LEU C 140 -44.67 -9.95 -15.90
C LEU C 140 -45.36 -8.68 -15.40
N PHE C 141 -44.98 -8.25 -14.20
CA PHE C 141 -45.37 -6.94 -13.68
C PHE C 141 -44.37 -5.92 -14.21
N THR C 142 -44.83 -5.04 -15.10
CA THR C 142 -43.92 -4.14 -15.80
C THR C 142 -44.49 -2.73 -15.86
N ASP C 143 -43.61 -1.79 -16.21
CA ASP C 143 -43.89 -0.38 -16.47
C ASP C 143 -44.41 0.37 -15.25
N PHE C 144 -44.26 -0.19 -14.05
CA PHE C 144 -44.59 0.54 -12.84
C PHE C 144 -43.45 1.50 -12.49
N ASP C 145 -43.79 2.54 -11.73
CA ASP C 145 -42.77 3.51 -11.33
C ASP C 145 -41.96 2.96 -10.16
N SER C 146 -40.86 3.65 -9.86
CA SER C 146 -39.85 3.12 -8.95
C SER C 146 -40.29 3.10 -7.49
N GLN C 147 -41.38 3.78 -7.14
CA GLN C 147 -41.84 3.74 -5.76
C GLN C 147 -42.41 2.38 -5.40
N THR C 148 -42.94 1.66 -6.39
CA THR C 148 -43.55 0.36 -6.14
C THR C 148 -42.47 -0.64 -5.71
N ASN C 149 -42.74 -1.35 -4.62
CA ASN C 149 -41.87 -2.40 -4.12
C ASN C 149 -42.50 -3.76 -4.39
N VAL C 150 -41.68 -4.73 -4.76
CA VAL C 150 -42.13 -6.08 -5.07
C VAL C 150 -41.83 -6.97 -3.88
N SER C 151 -42.89 -7.49 -3.26
CA SER C 151 -42.74 -8.37 -2.11
C SER C 151 -42.41 -9.78 -2.56
N GLN C 152 -41.58 -10.47 -1.77
CA GLN C 152 -41.16 -11.81 -2.12
C GLN C 152 -42.28 -12.81 -1.84
N SER C 153 -42.08 -14.03 -2.32
CA SER C 153 -43.11 -15.05 -2.25
C SER C 153 -43.33 -15.53 -0.83
N LYS C 154 -44.59 -15.73 -0.46
CA LYS C 154 -44.97 -16.44 0.75
C LYS C 154 -45.53 -17.82 0.46
N ASP C 155 -46.27 -17.98 -0.63
CA ASP C 155 -46.57 -19.29 -1.18
C ASP C 155 -45.27 -19.90 -1.69
N SER C 156 -44.78 -20.93 -1.00
CA SER C 156 -43.44 -21.44 -1.27
C SER C 156 -43.28 -21.87 -2.72
N ASP C 157 -44.31 -22.45 -3.31
CA ASP C 157 -44.23 -22.95 -4.68
C ASP C 157 -44.31 -21.85 -5.72
N VAL C 158 -44.66 -20.63 -5.34
CA VAL C 158 -44.61 -19.50 -6.27
C VAL C 158 -43.28 -18.80 -6.10
N TYR C 159 -42.78 -18.22 -7.18
CA TYR C 159 -41.47 -17.57 -7.19
C TYR C 159 -41.62 -16.16 -7.74
N ILE C 160 -41.10 -15.18 -7.00
CA ILE C 160 -41.18 -13.77 -7.38
C ILE C 160 -39.78 -13.18 -7.36
N THR C 161 -39.38 -12.60 -8.48
CA THR C 161 -38.09 -11.91 -8.57
C THR C 161 -38.25 -10.45 -8.18
N ASP C 162 -37.14 -9.86 -7.74
CA ASP C 162 -37.14 -8.44 -7.41
C ASP C 162 -37.29 -7.60 -8.68
N LYS C 163 -37.60 -6.33 -8.51
CA LYS C 163 -37.77 -5.45 -9.65
C LYS C 163 -36.42 -5.18 -10.31
N CYS C 164 -36.48 -4.80 -11.59
CA CYS C 164 -35.30 -4.73 -12.43
C CYS C 164 -35.59 -3.76 -13.57
N VAL C 165 -34.66 -2.83 -13.80
CA VAL C 165 -34.86 -1.73 -14.74
C VAL C 165 -34.01 -1.99 -15.98
N LEU C 166 -34.66 -2.02 -17.13
CA LEU C 166 -33.98 -2.13 -18.42
C LEU C 166 -34.03 -0.79 -19.13
N ASP C 167 -33.05 -0.56 -19.99
CA ASP C 167 -32.88 0.73 -20.69
C ASP C 167 -32.85 0.47 -22.19
N MET C 168 -33.94 0.80 -22.87
CA MET C 168 -33.97 0.77 -24.34
C MET C 168 -33.33 2.07 -24.83
N ARG C 169 -32.01 2.02 -25.03
CA ARG C 169 -31.24 3.24 -25.23
C ARG C 169 -31.61 3.97 -26.52
N SER C 170 -31.87 3.21 -27.59
CA SER C 170 -32.18 3.84 -28.87
C SER C 170 -33.47 4.63 -28.82
N MET C 171 -34.40 4.25 -27.93
CA MET C 171 -35.67 4.96 -27.78
C MET C 171 -35.69 5.87 -26.57
N ASP C 172 -34.62 5.90 -25.78
CA ASP C 172 -34.54 6.70 -24.56
C ASP C 172 -35.70 6.36 -23.63
N PHE C 173 -35.88 5.06 -23.39
CA PHE C 173 -37.01 4.54 -22.62
C PHE C 173 -36.49 3.63 -21.51
N LYS C 174 -36.94 3.86 -20.29
CA LYS C 174 -36.62 3.03 -19.14
C LYS C 174 -37.90 2.42 -18.58
N SER C 175 -37.79 1.19 -18.06
CA SER C 175 -38.95 0.53 -17.49
C SER C 175 -38.52 -0.46 -16.43
N ASN C 176 -39.34 -0.58 -15.38
CA ASN C 176 -39.14 -1.58 -14.34
C ASN C 176 -39.99 -2.82 -14.64
N SER C 177 -39.50 -3.97 -14.18
CA SER C 177 -40.27 -5.19 -14.35
C SER C 177 -39.83 -6.22 -13.32
N ALA C 178 -40.77 -7.07 -12.92
CA ALA C 178 -40.51 -8.21 -12.06
C ALA C 178 -41.29 -9.41 -12.60
N VAL C 179 -40.75 -10.60 -12.38
CA VAL C 179 -41.28 -11.83 -12.96
C VAL C 179 -41.78 -12.74 -11.85
N ALA C 180 -42.93 -13.38 -12.09
CA ALA C 180 -43.49 -14.37 -11.18
C ALA C 180 -43.91 -15.60 -11.97
N TRP C 181 -43.67 -16.77 -11.40
CA TRP C 181 -44.02 -18.03 -12.03
C TRP C 181 -44.28 -19.07 -10.96
N SER C 182 -44.90 -20.18 -11.38
CA SER C 182 -45.22 -21.25 -10.44
C SER C 182 -45.54 -22.52 -11.22
N ASN C 183 -45.35 -23.66 -10.55
CA ASN C 183 -45.76 -24.94 -11.09
C ASN C 183 -47.23 -25.24 -10.78
N LYS C 184 -47.78 -24.62 -9.74
CA LYS C 184 -49.15 -24.89 -9.34
C LYS C 184 -50.14 -24.45 -10.41
N SER C 185 -51.30 -25.11 -10.43
CA SER C 185 -52.37 -24.77 -11.36
C SER C 185 -53.27 -23.65 -10.83
N ASP C 186 -53.40 -23.54 -9.51
CA ASP C 186 -54.22 -22.48 -8.92
C ASP C 186 -53.63 -21.10 -9.17
N PHE C 187 -52.32 -21.02 -9.44
CA PHE C 187 -51.65 -19.74 -9.60
C PHE C 187 -52.08 -19.06 -10.89
N ALA C 188 -52.52 -17.80 -10.77
CA ALA C 188 -52.88 -16.97 -11.92
C ALA C 188 -52.18 -15.63 -11.78
N CYS C 189 -52.01 -14.96 -12.92
CA CYS C 189 -51.32 -13.67 -12.92
C CYS C 189 -52.12 -12.58 -12.21
N ALA C 190 -53.44 -12.75 -12.09
CA ALA C 190 -54.24 -11.75 -11.39
C ALA C 190 -53.88 -11.67 -9.91
N ASN C 191 -53.54 -12.79 -9.29
CA ASN C 191 -53.09 -12.82 -7.90
C ASN C 191 -51.59 -13.08 -7.77
N ALA C 192 -50.85 -13.01 -8.88
CA ALA C 192 -49.41 -13.26 -8.83
C ALA C 192 -48.72 -12.26 -7.90
N PHE C 193 -48.95 -10.98 -8.12
CA PHE C 193 -48.38 -9.91 -7.30
C PHE C 193 -49.38 -9.36 -6.29
N ASN C 194 -50.27 -10.22 -5.79
CA ASN C 194 -51.24 -9.81 -4.80
C ASN C 194 -50.59 -9.57 -3.44
N ASN C 195 -49.45 -10.22 -3.18
CA ASN C 195 -48.78 -10.09 -1.89
C ASN C 195 -48.17 -8.70 -1.69
N SER C 196 -47.98 -7.95 -2.77
CA SER C 196 -47.43 -6.60 -2.69
C SER C 196 -48.49 -5.59 -3.14
N ILE C 197 -48.17 -4.31 -2.94
CA ILE C 197 -49.11 -3.23 -3.20
C ILE C 197 -48.85 -2.73 -4.61
N ILE C 198 -49.62 -3.27 -5.57
CA ILE C 198 -49.56 -2.81 -6.95
C ILE C 198 -50.49 -1.61 -7.09
N PRO C 199 -50.21 -0.67 -8.00
CA PRO C 199 -51.11 0.47 -8.17
C PRO C 199 -52.52 0.03 -8.53
N GLU C 200 -53.50 0.81 -8.05
CA GLU C 200 -54.89 0.48 -8.30
C GLU C 200 -55.24 0.55 -9.78
N ASP C 201 -54.53 1.39 -10.55
CA ASP C 201 -54.74 1.50 -11.98
C ASP C 201 -53.83 0.57 -12.78
N THR C 202 -53.51 -0.60 -12.23
CA THR C 202 -52.68 -1.57 -12.96
C THR C 202 -53.50 -2.22 -14.06
N PHE C 203 -53.02 -2.14 -15.29
CA PHE C 203 -53.73 -2.70 -16.43
C PHE C 203 -53.66 -4.21 -16.39
N PHE C 204 -54.78 -4.85 -16.07
CA PHE C 204 -54.89 -6.31 -16.08
C PHE C 204 -55.68 -6.73 -17.31
N PRO C 205 -55.03 -7.15 -18.39
CA PRO C 205 -55.74 -7.44 -19.63
C PRO C 205 -56.56 -8.72 -19.53
N SER C 206 -57.37 -8.94 -20.56
CA SER C 206 -58.25 -10.10 -20.63
C SER C 206 -57.46 -11.40 -20.66
N ALA D 1 -6.74 3.52 -22.67
CA ALA D 1 -5.43 3.70 -22.04
C ALA D 1 -5.43 3.11 -20.63
N ASP D 2 -6.58 2.64 -20.20
CA ASP D 2 -6.71 2.12 -18.84
C ASP D 2 -6.06 0.75 -18.72
N PRO D 3 -5.21 0.52 -17.73
CA PRO D 3 -4.63 -0.81 -17.53
C PRO D 3 -5.71 -1.85 -17.25
N LYS D 4 -5.51 -3.05 -17.79
CA LYS D 4 -6.44 -4.15 -17.64
C LYS D 4 -5.73 -5.35 -17.04
N VAL D 5 -6.32 -5.93 -16.00
CA VAL D 5 -5.80 -7.13 -15.35
C VAL D 5 -6.76 -8.28 -15.65
N ILE D 6 -6.23 -9.39 -16.14
CA ILE D 6 -7.02 -10.54 -16.55
C ILE D 6 -6.97 -11.60 -15.46
N GLN D 7 -8.10 -12.29 -15.26
CA GLN D 7 -8.18 -13.35 -14.25
C GLN D 7 -9.08 -14.47 -14.76
N THR D 8 -8.58 -15.70 -14.71
CA THR D 8 -9.35 -16.89 -15.04
C THR D 8 -9.17 -17.92 -13.93
N PRO D 9 -10.22 -18.71 -13.65
CA PRO D 9 -11.55 -18.60 -14.26
C PRO D 9 -12.41 -17.58 -13.52
N ARG D 10 -13.50 -17.14 -14.15
CA ARG D 10 -14.38 -16.19 -13.49
C ARG D 10 -15.05 -16.81 -12.27
N TYR D 11 -15.51 -18.05 -12.39
CA TYR D 11 -16.06 -18.81 -11.28
C TYR D 11 -15.27 -20.10 -11.10
N LEU D 12 -15.35 -20.65 -9.90
CA LEU D 12 -14.67 -21.91 -9.59
C LEU D 12 -15.39 -22.60 -8.44
N VAL D 13 -15.68 -23.88 -8.62
CA VAL D 13 -16.26 -24.71 -7.57
C VAL D 13 -15.32 -25.88 -7.31
N LYS D 14 -15.12 -26.19 -6.03
CA LYS D 14 -14.20 -27.24 -5.64
C LYS D 14 -14.72 -27.92 -4.39
N GLY D 15 -14.37 -29.19 -4.22
CA GLY D 15 -14.65 -29.90 -3.00
C GLY D 15 -13.51 -29.79 -2.00
N GLN D 16 -13.84 -30.00 -0.73
CA GLN D 16 -12.85 -29.90 0.33
C GLN D 16 -11.70 -30.88 0.08
N GLY D 17 -10.48 -30.38 0.24
CA GLY D 17 -9.29 -31.16 0.00
C GLY D 17 -8.71 -31.03 -1.39
N GLN D 18 -9.50 -30.57 -2.36
CA GLN D 18 -9.00 -30.39 -3.72
C GLN D 18 -8.14 -29.15 -3.83
N LYS D 19 -7.32 -29.12 -4.87
CA LYS D 19 -6.59 -27.91 -5.22
C LYS D 19 -7.50 -26.96 -5.97
N ALA D 20 -7.36 -25.67 -5.69
CA ALA D 20 -8.09 -24.62 -6.39
C ALA D 20 -7.07 -23.64 -6.94
N LYS D 21 -6.82 -23.71 -8.25
CA LYS D 21 -5.83 -22.87 -8.90
C LYS D 21 -6.50 -21.73 -9.64
N MET D 22 -5.99 -20.52 -9.45
CA MET D 22 -6.51 -19.32 -10.09
C MET D 22 -5.35 -18.57 -10.74
N ARG D 23 -5.61 -18.01 -11.92
CA ARG D 23 -4.56 -17.38 -12.72
C ARG D 23 -4.85 -15.89 -12.89
N CYS D 24 -3.78 -15.12 -13.07
CA CYS D 24 -3.86 -13.68 -13.20
C CYS D 24 -2.82 -13.18 -14.18
N ILE D 25 -3.24 -12.33 -15.11
CA ILE D 25 -2.34 -11.68 -16.05
C ILE D 25 -2.28 -10.20 -15.70
N PRO D 26 -1.22 -9.73 -15.06
CA PRO D 26 -1.12 -8.30 -14.75
C PRO D 26 -1.00 -7.46 -16.01
N GLU D 27 -1.24 -6.16 -15.83
CA GLU D 27 -1.07 -5.22 -16.93
C GLU D 27 0.36 -5.29 -17.46
N LYS D 28 0.49 -5.28 -18.79
CA LYS D 28 1.80 -5.37 -19.42
C LYS D 28 2.68 -4.20 -18.99
N GLY D 29 3.81 -4.53 -18.36
CA GLY D 29 4.74 -3.53 -17.86
C GLY D 29 4.66 -3.29 -16.37
N HIS D 30 3.65 -3.82 -15.69
CA HIS D 30 3.53 -3.64 -14.25
C HIS D 30 4.42 -4.64 -13.52
N PRO D 31 5.38 -4.18 -12.71
CA PRO D 31 6.27 -5.11 -12.01
C PRO D 31 5.75 -5.62 -10.67
N VAL D 32 4.64 -5.11 -10.17
CA VAL D 32 4.14 -5.42 -8.84
C VAL D 32 2.75 -6.04 -8.95
N VAL D 33 2.54 -7.13 -8.23
CA VAL D 33 1.26 -7.85 -8.24
C VAL D 33 0.80 -8.04 -6.80
N PHE D 34 -0.50 -7.91 -6.56
CA PHE D 34 -1.11 -8.15 -5.26
C PHE D 34 -2.21 -9.19 -5.39
N TRP D 35 -2.45 -9.91 -4.30
CA TRP D 35 -3.58 -10.85 -4.21
C TRP D 35 -4.38 -10.51 -2.95
N TYR D 36 -5.66 -10.23 -3.12
CA TYR D 36 -6.56 -9.97 -2.00
C TYR D 36 -7.66 -11.03 -1.96
N GLN D 37 -8.31 -11.12 -0.80
CA GLN D 37 -9.42 -12.05 -0.57
C GLN D 37 -10.60 -11.24 -0.07
N GLN D 38 -11.67 -11.19 -0.86
CA GLN D 38 -12.88 -10.46 -0.52
C GLN D 38 -14.01 -11.45 -0.25
N ASN D 39 -14.51 -11.45 0.98
CA ASN D 39 -15.59 -12.34 1.35
C ASN D 39 -16.94 -11.63 1.17
N LYS D 40 -18.02 -12.30 1.57
CA LYS D 40 -19.36 -11.77 1.38
C LYS D 40 -19.64 -10.56 2.26
N ASN D 41 -18.88 -10.37 3.34
CA ASN D 41 -19.04 -9.20 4.20
C ASN D 41 -18.23 -8.01 3.72
N ASN D 42 -17.79 -8.02 2.46
CA ASN D 42 -16.99 -6.95 1.85
C ASN D 42 -15.74 -6.66 2.66
N GLU D 43 -15.17 -7.68 3.29
CA GLU D 43 -13.90 -7.57 4.00
C GLU D 43 -12.78 -8.06 3.08
N PHE D 44 -11.73 -7.25 2.97
CA PHE D 44 -10.62 -7.53 2.07
C PHE D 44 -9.40 -7.93 2.90
N LYS D 45 -8.90 -9.14 2.67
CA LYS D 45 -7.72 -9.64 3.37
C LYS D 45 -6.56 -9.75 2.38
N PHE D 46 -5.50 -8.98 2.62
CA PHE D 46 -4.29 -9.09 1.81
C PHE D 46 -3.67 -10.47 1.97
N LEU D 47 -3.25 -11.06 0.85
CA LEU D 47 -2.68 -12.39 0.85
C LEU D 47 -1.18 -12.38 0.57
N ILE D 48 -0.72 -11.67 -0.45
CA ILE D 48 0.65 -11.75 -0.91
C ILE D 48 0.91 -10.68 -1.97
N ASN D 49 2.14 -10.18 -2.05
CA ASN D 49 2.53 -9.26 -3.11
C ASN D 49 3.85 -9.72 -3.72
N PHE D 50 4.07 -9.30 -4.97
CA PHE D 50 5.24 -9.69 -5.75
C PHE D 50 6.00 -8.47 -6.22
N GLN D 51 7.31 -8.61 -6.37
CA GLN D 51 8.13 -7.72 -7.17
C GLN D 51 8.72 -8.55 -8.29
N ASN D 52 8.15 -8.43 -9.49
CA ASN D 52 8.50 -9.26 -10.64
C ASN D 52 8.26 -10.71 -10.26
N GLN D 53 9.25 -11.59 -10.30
CA GLN D 53 9.07 -13.00 -10.02
C GLN D 53 9.24 -13.33 -8.54
N GLU D 54 9.54 -12.34 -7.70
CA GLU D 54 9.97 -12.55 -6.32
C GLU D 54 8.86 -12.15 -5.36
N VAL D 55 8.50 -13.07 -4.46
CA VAL D 55 7.58 -12.74 -3.37
C VAL D 55 8.28 -11.82 -2.39
N LEU D 56 7.60 -10.74 -2.00
CA LEU D 56 8.13 -9.83 -0.99
C LEU D 56 7.44 -10.00 0.36
N GLN D 57 6.11 -9.99 0.37
CA GLN D 57 5.35 -10.09 1.62
C GLN D 57 4.16 -11.01 1.42
N GLN D 58 3.88 -11.83 2.44
CA GLN D 58 2.69 -12.67 2.47
C GLN D 58 2.36 -12.99 3.92
N ILE D 59 1.08 -13.22 4.18
CA ILE D 59 0.62 -13.56 5.52
C ILE D 59 0.87 -15.05 5.76
N ASP D 60 0.72 -15.49 7.01
CA ASP D 60 1.06 -16.85 7.37
C ASP D 60 0.19 -17.86 6.64
N MET D 61 -1.11 -17.57 6.49
CA MET D 61 -2.02 -18.49 5.81
C MET D 61 -1.57 -18.75 4.38
N THR D 62 -1.15 -17.70 3.67
CA THR D 62 -0.72 -17.86 2.28
C THR D 62 0.51 -18.75 2.19
N GLU D 63 1.49 -18.52 3.06
CA GLU D 63 2.73 -19.30 2.99
C GLU D 63 2.51 -20.77 3.31
N LYS D 64 1.57 -21.07 4.22
CA LYS D 64 1.37 -22.44 4.67
C LYS D 64 0.29 -23.18 3.88
N ARG D 65 -0.68 -22.46 3.31
CA ARG D 65 -1.79 -23.10 2.62
C ARG D 65 -1.86 -22.79 1.13
N PHE D 66 -1.10 -21.82 0.64
CA PHE D 66 -1.19 -21.38 -0.75
C PHE D 66 0.14 -21.57 -1.46
N SER D 67 0.06 -21.65 -2.79
CA SER D 67 1.23 -21.67 -3.66
C SER D 67 1.05 -20.58 -4.70
N ALA D 68 1.94 -19.58 -4.68
CA ALA D 68 1.82 -18.42 -5.53
C ALA D 68 3.05 -18.28 -6.41
N GLU D 69 2.82 -17.86 -7.66
CA GLU D 69 3.90 -17.72 -8.63
C GLU D 69 3.54 -16.57 -9.57
N CYS D 70 4.56 -15.82 -9.97
CA CYS D 70 4.44 -14.82 -11.03
C CYS D 70 5.65 -14.95 -11.96
N PRO D 71 5.73 -16.06 -12.71
CA PRO D 71 6.87 -16.24 -13.61
C PRO D 71 6.79 -15.30 -14.80
N SER D 72 7.92 -15.17 -15.49
CA SER D 72 8.01 -14.24 -16.61
C SER D 72 7.40 -14.80 -17.89
N ASN D 73 7.36 -16.12 -18.04
CA ASN D 73 6.88 -16.77 -19.25
C ASN D 73 5.45 -17.28 -19.11
N SER D 74 4.79 -17.00 -18.00
CA SER D 74 3.50 -17.58 -17.69
C SER D 74 2.70 -16.59 -16.86
N PRO D 75 1.37 -16.66 -16.89
CA PRO D 75 0.57 -15.81 -16.01
C PRO D 75 0.85 -16.09 -14.55
N CYS D 76 0.57 -15.09 -13.70
CA CYS D 76 0.62 -15.31 -12.26
C CYS D 76 -0.42 -16.35 -11.87
N SER D 77 -0.13 -17.08 -10.79
CA SER D 77 -1.03 -18.11 -10.31
C SER D 77 -1.09 -18.10 -8.79
N LEU D 78 -2.28 -18.35 -8.26
CA LEU D 78 -2.49 -18.53 -6.83
C LEU D 78 -3.30 -19.81 -6.64
N GLU D 79 -2.76 -20.77 -5.91
CA GLU D 79 -3.38 -22.08 -5.78
C GLU D 79 -3.49 -22.48 -4.31
N ILE D 80 -4.71 -22.83 -3.90
CA ILE D 80 -4.93 -23.41 -2.59
C ILE D 80 -4.62 -24.90 -2.67
N GLN D 81 -3.80 -25.38 -1.74
CA GLN D 81 -3.37 -26.78 -1.81
C GLN D 81 -4.48 -27.73 -1.37
N SER D 82 -5.13 -27.43 -0.24
CA SER D 82 -6.24 -28.24 0.26
C SER D 82 -7.38 -27.29 0.60
N SER D 83 -8.37 -27.22 -0.29
CA SER D 83 -9.43 -26.24 -0.17
C SER D 83 -10.28 -26.51 1.07
N GLU D 84 -10.72 -25.43 1.72
CA GLU D 84 -11.61 -25.50 2.87
C GLU D 84 -12.80 -24.60 2.62
N ALA D 85 -13.91 -24.90 3.31
CA ALA D 85 -15.13 -24.12 3.14
C ALA D 85 -14.89 -22.64 3.47
N GLY D 86 -13.98 -22.35 4.38
CA GLY D 86 -13.63 -20.97 4.69
C GLY D 86 -12.86 -20.25 3.62
N ASP D 87 -12.34 -20.98 2.63
CA ASP D 87 -11.64 -20.35 1.51
C ASP D 87 -12.59 -19.74 0.48
N SER D 88 -13.90 -19.96 0.63
CA SER D 88 -14.89 -19.42 -0.29
C SER D 88 -14.89 -17.89 -0.24
N ALA D 89 -14.43 -17.26 -1.33
CA ALA D 89 -14.36 -15.81 -1.41
C ALA D 89 -14.04 -15.42 -2.85
N LEU D 90 -14.12 -14.12 -3.11
CA LEU D 90 -13.70 -13.56 -4.38
C LEU D 90 -12.21 -13.24 -4.30
N TYR D 91 -11.41 -13.92 -5.12
CA TYR D 91 -9.97 -13.76 -5.10
C TYR D 91 -9.57 -12.71 -6.14
N LEU D 92 -9.13 -11.56 -5.66
CA LEU D 92 -8.82 -10.41 -6.51
C LEU D 92 -7.32 -10.35 -6.76
N CYS D 93 -6.96 -10.07 -8.01
CA CYS D 93 -5.58 -9.83 -8.41
C CYS D 93 -5.43 -8.38 -8.85
N ALA D 94 -4.44 -7.70 -8.30
CA ALA D 94 -4.16 -6.31 -8.64
C ALA D 94 -2.72 -6.16 -9.06
N SER D 95 -2.48 -5.30 -10.05
CA SER D 95 -1.15 -4.96 -10.48
C SER D 95 -0.94 -3.46 -10.36
N SER D 96 0.32 -3.05 -10.27
CA SER D 96 0.65 -1.63 -10.18
C SER D 96 1.97 -1.38 -10.89
N LEU D 97 2.13 -0.15 -11.37
CA LEU D 97 3.36 0.23 -12.06
C LEU D 97 4.54 0.36 -11.09
N ASN D 98 4.28 0.53 -9.80
CA ASN D 98 5.35 0.70 -8.83
C ASN D 98 4.99 -0.04 -7.54
N TRP D 99 5.96 -0.06 -6.62
CA TRP D 99 5.83 -0.86 -5.40
C TRP D 99 4.68 -0.38 -4.53
N SER D 100 4.66 0.92 -4.20
CA SER D 100 3.61 1.46 -3.35
C SER D 100 3.23 2.89 -3.73
N GLN D 101 3.56 3.31 -4.95
CA GLN D 101 3.48 4.72 -5.33
C GLN D 101 2.38 5.02 -6.34
N ASP D 102 1.68 4.01 -6.85
CA ASP D 102 0.71 4.21 -7.91
C ASP D 102 -0.56 3.43 -7.64
N THR D 103 -1.56 3.66 -8.50
CA THR D 103 -2.84 2.98 -8.39
C THR D 103 -2.67 1.48 -8.55
N GLN D 104 -3.36 0.72 -7.70
CA GLN D 104 -3.51 -0.72 -7.91
C GLN D 104 -4.73 -0.96 -8.76
N TYR D 105 -4.55 -1.59 -9.92
CA TYR D 105 -5.63 -1.92 -10.83
C TYR D 105 -6.02 -3.37 -10.64
N PHE D 106 -7.31 -3.61 -10.40
CA PHE D 106 -7.80 -4.92 -10.03
C PHE D 106 -8.42 -5.64 -11.21
N GLY D 107 -8.33 -6.97 -11.18
CA GLY D 107 -8.94 -7.81 -12.18
C GLY D 107 -10.35 -8.20 -11.78
N PRO D 108 -11.04 -8.95 -12.65
CA PRO D 108 -12.43 -9.33 -12.36
C PRO D 108 -12.55 -10.33 -11.22
N GLY D 109 -11.46 -10.94 -10.78
CA GLY D 109 -11.49 -11.86 -9.67
C GLY D 109 -11.99 -13.23 -10.06
N THR D 110 -11.70 -14.20 -9.20
CA THR D 110 -12.22 -15.56 -9.31
C THR D 110 -13.14 -15.83 -8.13
N ARG D 111 -14.41 -16.07 -8.42
CA ARG D 111 -15.39 -16.43 -7.39
C ARG D 111 -15.22 -17.91 -7.08
N LEU D 112 -14.50 -18.22 -6.01
CA LEU D 112 -14.25 -19.59 -5.60
C LEU D 112 -15.24 -19.98 -4.51
N LEU D 113 -15.88 -21.14 -4.69
CA LEU D 113 -16.76 -21.73 -3.70
C LEU D 113 -16.27 -23.13 -3.39
N VAL D 114 -16.06 -23.41 -2.10
CA VAL D 114 -15.59 -24.72 -1.64
C VAL D 114 -16.71 -25.39 -0.88
N LEU D 115 -17.21 -26.50 -1.41
CA LEU D 115 -18.27 -27.28 -0.80
C LEU D 115 -17.69 -28.54 -0.17
N GLU D 116 -18.48 -29.14 0.74
CA GLU D 116 -18.07 -30.40 1.36
C GLU D 116 -17.82 -31.46 0.30
N ASP D 117 -18.80 -31.69 -0.58
CA ASP D 117 -18.65 -32.58 -1.71
C ASP D 117 -19.32 -31.93 -2.92
N LEU D 118 -19.05 -32.47 -4.10
CA LEU D 118 -19.63 -32.00 -5.35
C LEU D 118 -20.80 -32.87 -5.79
N LYS D 119 -21.61 -33.34 -4.84
CA LYS D 119 -22.73 -34.22 -5.16
C LYS D 119 -24.01 -33.47 -5.53
N ASN D 120 -24.12 -32.19 -5.16
CA ASN D 120 -25.34 -31.43 -5.37
C ASN D 120 -25.16 -30.31 -6.38
N VAL D 121 -24.15 -30.38 -7.23
CA VAL D 121 -23.95 -29.39 -8.28
C VAL D 121 -24.85 -29.74 -9.47
N PHE D 122 -25.64 -28.76 -9.91
CA PHE D 122 -26.58 -28.97 -11.00
C PHE D 122 -26.48 -27.86 -12.03
N PRO D 123 -26.59 -28.18 -13.31
CA PRO D 123 -26.61 -27.14 -14.35
C PRO D 123 -28.00 -26.50 -14.42
N PRO D 124 -28.12 -25.35 -15.08
CA PRO D 124 -29.43 -24.71 -15.18
C PRO D 124 -30.27 -25.28 -16.32
N GLU D 125 -31.58 -25.22 -16.11
CA GLU D 125 -32.56 -25.42 -17.18
C GLU D 125 -33.07 -24.05 -17.59
N VAL D 126 -33.11 -23.80 -18.90
CA VAL D 126 -33.38 -22.48 -19.45
C VAL D 126 -34.67 -22.53 -20.26
N ALA D 127 -35.49 -21.49 -20.12
CA ALA D 127 -36.74 -21.37 -20.85
C ALA D 127 -36.94 -19.92 -21.25
N VAL D 128 -37.42 -19.70 -22.47
CA VAL D 128 -37.73 -18.37 -22.99
C VAL D 128 -39.24 -18.26 -23.11
N PHE D 129 -39.80 -17.18 -22.59
CA PHE D 129 -41.23 -16.93 -22.60
C PHE D 129 -41.53 -15.77 -23.55
N GLU D 130 -42.39 -16.03 -24.53
CA GLU D 130 -42.66 -15.09 -25.60
C GLU D 130 -43.50 -13.92 -25.11
N PRO D 131 -43.36 -12.75 -25.73
CA PRO D 131 -44.19 -11.60 -25.35
C PRO D 131 -45.67 -11.88 -25.53
N SER D 132 -46.48 -11.17 -24.76
CA SER D 132 -47.93 -11.34 -24.81
C SER D 132 -48.54 -10.41 -25.85
N GLU D 133 -49.68 -10.84 -26.40
CA GLU D 133 -50.42 -9.98 -27.32
C GLU D 133 -50.94 -8.73 -26.62
N ALA D 134 -51.16 -8.80 -25.30
CA ALA D 134 -51.68 -7.66 -24.57
C ALA D 134 -50.65 -6.54 -24.47
N GLU D 135 -49.39 -6.89 -24.16
CA GLU D 135 -48.36 -5.87 -24.05
C GLU D 135 -48.10 -5.20 -25.40
N ILE D 136 -48.17 -5.98 -26.48
CA ILE D 136 -47.88 -5.44 -27.80
C ILE D 136 -48.91 -4.39 -28.21
N SER D 137 -50.19 -4.71 -28.02
CA SER D 137 -51.24 -3.76 -28.38
C SER D 137 -51.33 -2.60 -27.40
N HIS D 138 -50.83 -2.76 -26.18
CA HIS D 138 -50.95 -1.72 -25.16
C HIS D 138 -49.79 -0.73 -25.21
N THR D 139 -48.56 -1.22 -25.33
CA THR D 139 -47.37 -0.38 -25.26
C THR D 139 -46.59 -0.31 -26.57
N GLN D 140 -46.96 -1.10 -27.58
CA GLN D 140 -46.20 -1.24 -28.82
C GLN D 140 -44.76 -1.66 -28.54
N LYS D 141 -44.56 -2.41 -27.46
CA LYS D 141 -43.28 -3.01 -27.13
C LYS D 141 -43.52 -4.47 -26.75
N ALA D 142 -42.48 -5.28 -26.89
CA ALA D 142 -42.57 -6.72 -26.65
C ALA D 142 -41.44 -7.14 -25.73
N THR D 143 -41.79 -7.81 -24.63
CA THR D 143 -40.82 -8.24 -23.63
C THR D 143 -40.70 -9.77 -23.66
N LEU D 144 -39.47 -10.25 -23.81
CA LEU D 144 -39.15 -11.66 -23.65
C LEU D 144 -38.58 -11.87 -22.26
N VAL D 145 -38.94 -12.99 -21.63
CA VAL D 145 -38.50 -13.31 -20.28
C VAL D 145 -37.77 -14.66 -20.33
N CYS D 146 -36.60 -14.71 -19.71
CA CYS D 146 -35.79 -15.93 -19.65
C CYS D 146 -35.71 -16.40 -18.21
N LEU D 147 -35.88 -17.71 -18.00
CA LEU D 147 -35.79 -18.32 -16.69
C LEU D 147 -34.70 -19.39 -16.70
N ALA D 148 -33.69 -19.21 -15.86
CA ALA D 148 -32.70 -20.25 -15.58
C ALA D 148 -32.96 -20.77 -14.18
N THR D 149 -33.23 -22.07 -14.07
CA THR D 149 -33.67 -22.66 -12.81
C THR D 149 -32.88 -23.93 -12.52
N GLY D 150 -32.94 -24.36 -11.26
CA GLY D 150 -32.42 -25.64 -10.84
C GLY D 150 -30.91 -25.76 -10.81
N PHE D 151 -30.18 -24.65 -10.95
CA PHE D 151 -28.73 -24.72 -11.00
C PHE D 151 -28.12 -24.47 -9.63
N TYR D 152 -26.96 -25.08 -9.39
CA TYR D 152 -26.19 -24.91 -8.18
C TYR D 152 -24.71 -25.17 -8.46
N PRO D 153 -23.80 -24.27 -8.06
CA PRO D 153 -24.09 -23.03 -7.32
C PRO D 153 -24.56 -21.90 -8.23
N ASP D 154 -24.63 -20.69 -7.70
CA ASP D 154 -25.05 -19.53 -8.48
C ASP D 154 -23.85 -18.96 -9.25
N HIS D 155 -23.24 -19.84 -10.05
CA HIS D 155 -22.10 -19.51 -10.90
C HIS D 155 -22.56 -19.55 -12.36
N VAL D 156 -23.27 -18.50 -12.78
CA VAL D 156 -23.83 -18.45 -14.13
C VAL D 156 -23.68 -17.05 -14.70
N GLU D 157 -23.63 -16.97 -16.03
N GLU D 157 -23.59 -16.99 -16.04
CA GLU D 157 -23.63 -15.71 -16.75
CA GLU D 157 -23.62 -15.76 -16.81
C GLU D 157 -24.67 -15.78 -17.86
C GLU D 157 -24.75 -15.87 -17.82
N LEU D 158 -25.72 -14.97 -17.74
CA LEU D 158 -26.82 -14.97 -18.68
C LEU D 158 -26.64 -13.84 -19.69
N SER D 159 -26.94 -14.13 -20.96
CA SER D 159 -26.81 -13.17 -22.04
C SER D 159 -27.90 -13.40 -23.06
N TRP D 160 -28.27 -12.34 -23.77
CA TRP D 160 -29.26 -12.39 -24.83
C TRP D 160 -28.56 -12.26 -26.19
N TRP D 161 -29.05 -13.02 -27.17
CA TRP D 161 -28.47 -13.03 -28.51
C TRP D 161 -29.58 -12.86 -29.52
N VAL D 162 -29.56 -11.73 -30.23
CA VAL D 162 -30.54 -11.41 -31.27
C VAL D 162 -29.88 -11.59 -32.63
N ASN D 163 -30.39 -12.53 -33.42
CA ASN D 163 -29.88 -12.80 -34.77
C ASN D 163 -28.39 -13.14 -34.77
N GLY D 164 -27.91 -13.77 -33.71
CA GLY D 164 -26.53 -14.21 -33.63
C GLY D 164 -25.56 -13.23 -33.00
N LYS D 165 -26.01 -12.05 -32.62
CA LYS D 165 -25.16 -11.05 -31.99
C LYS D 165 -25.67 -10.74 -30.60
N GLU D 166 -24.78 -10.75 -29.62
CA GLU D 166 -25.17 -10.46 -28.25
C GLU D 166 -25.61 -9.02 -28.12
N VAL D 167 -26.73 -8.80 -27.43
CA VAL D 167 -27.27 -7.46 -27.24
C VAL D 167 -27.26 -7.12 -25.76
N HIS D 168 -27.17 -5.83 -25.47
CA HIS D 168 -27.22 -5.33 -24.11
C HIS D 168 -28.31 -4.29 -23.89
N SER D 169 -28.69 -3.55 -24.93
CA SER D 169 -29.78 -2.58 -24.81
C SER D 169 -31.10 -3.30 -24.61
N GLY D 170 -31.96 -2.70 -23.79
CA GLY D 170 -33.25 -3.31 -23.48
C GLY D 170 -33.18 -4.56 -22.64
N VAL D 171 -32.03 -4.84 -22.02
CA VAL D 171 -31.83 -6.04 -21.22
C VAL D 171 -31.62 -5.63 -19.77
N CYS D 172 -32.18 -6.40 -18.85
CA CYS D 172 -31.85 -6.29 -17.44
C CYS D 172 -32.03 -7.67 -16.81
N THR D 173 -31.05 -8.07 -16.00
CA THR D 173 -31.03 -9.37 -15.35
C THR D 173 -30.99 -9.17 -13.84
N ASP D 174 -31.64 -10.07 -13.11
CA ASP D 174 -31.70 -9.98 -11.67
C ASP D 174 -30.28 -9.87 -11.09
N PRO D 175 -30.04 -8.90 -10.20
CA PRO D 175 -28.69 -8.76 -9.63
C PRO D 175 -28.22 -9.96 -8.84
N GLN D 176 -29.14 -10.77 -8.31
CA GLN D 176 -28.80 -11.97 -7.57
C GLN D 176 -29.89 -13.00 -7.76
N PRO D 177 -29.55 -14.29 -7.81
CA PRO D 177 -30.58 -15.32 -7.94
C PRO D 177 -31.33 -15.51 -6.64
N LEU D 178 -32.56 -16.02 -6.76
CA LEU D 178 -33.36 -16.41 -5.61
C LEU D 178 -33.25 -17.92 -5.41
N LYS D 179 -33.38 -18.33 -4.16
CA LYS D 179 -33.34 -19.75 -3.83
C LYS D 179 -34.69 -20.40 -4.14
N GLU D 180 -34.64 -21.57 -4.75
CA GLU D 180 -35.86 -22.33 -5.02
C GLU D 180 -36.48 -22.85 -3.72
N GLN D 181 -35.69 -23.02 -2.67
CA GLN D 181 -36.16 -23.34 -1.34
C GLN D 181 -35.15 -22.86 -0.32
N PRO D 182 -35.36 -21.67 0.26
CA PRO D 182 -34.35 -21.09 1.17
C PRO D 182 -34.03 -21.95 2.39
N ALA D 183 -34.86 -22.94 2.71
CA ALA D 183 -34.61 -23.76 3.89
C ALA D 183 -33.40 -24.66 3.71
N LEU D 184 -33.07 -25.05 2.49
CA LEU D 184 -31.91 -25.90 2.21
C LEU D 184 -30.67 -25.03 2.03
N ASN D 185 -29.57 -25.41 2.70
CA ASN D 185 -28.35 -24.61 2.61
C ASN D 185 -27.71 -24.73 1.23
N ASP D 186 -27.81 -25.89 0.58
CA ASP D 186 -27.35 -26.07 -0.79
C ASP D 186 -28.50 -25.93 -1.78
N SER D 187 -29.41 -24.99 -1.52
CA SER D 187 -30.58 -24.81 -2.36
C SER D 187 -30.19 -24.41 -3.77
N ARG D 188 -30.77 -25.10 -4.75
CA ARG D 188 -30.57 -24.72 -6.15
C ARG D 188 -31.22 -23.36 -6.42
N TYR D 189 -30.69 -22.66 -7.41
CA TYR D 189 -31.02 -21.27 -7.64
C TYR D 189 -31.86 -21.08 -8.90
N ALA D 190 -32.48 -19.90 -8.99
CA ALA D 190 -33.25 -19.49 -10.14
C ALA D 190 -32.90 -18.04 -10.49
N LEU D 191 -32.90 -17.74 -11.78
CA LEU D 191 -32.52 -16.41 -12.25
C LEU D 191 -33.41 -16.03 -13.43
N SER D 192 -33.94 -14.80 -13.40
CA SER D 192 -34.78 -14.28 -14.46
C SER D 192 -34.09 -13.11 -15.16
N SER D 193 -34.48 -12.89 -16.41
CA SER D 193 -33.95 -11.79 -17.21
C SER D 193 -34.98 -11.43 -18.28
N ARG D 194 -34.94 -10.18 -18.70
CA ARG D 194 -35.90 -9.67 -19.69
C ARG D 194 -35.16 -9.00 -20.83
N LEU D 195 -35.67 -9.19 -22.05
CA LEU D 195 -35.22 -8.46 -23.23
C LEU D 195 -36.44 -7.84 -23.88
N ARG D 196 -36.48 -6.51 -23.93
CA ARG D 196 -37.61 -5.78 -24.47
C ARG D 196 -37.23 -5.13 -25.79
N VAL D 197 -37.99 -5.43 -26.84
CA VAL D 197 -37.80 -4.87 -28.16
C VAL D 197 -39.07 -4.13 -28.57
N SER D 198 -39.01 -3.47 -29.71
CA SER D 198 -40.19 -2.84 -30.27
C SER D 198 -41.16 -3.91 -30.79
N ALA D 199 -42.44 -3.54 -30.86
CA ALA D 199 -43.45 -4.48 -31.32
C ALA D 199 -43.18 -4.92 -32.76
N THR D 200 -42.77 -3.98 -33.62
CA THR D 200 -42.52 -4.32 -35.01
C THR D 200 -41.33 -5.26 -35.16
N PHE D 201 -40.34 -5.16 -34.26
CA PHE D 201 -39.18 -6.05 -34.35
C PHE D 201 -39.55 -7.47 -33.94
N TRP D 202 -40.39 -7.62 -32.92
CA TRP D 202 -40.86 -8.95 -32.54
C TRP D 202 -41.79 -9.54 -33.59
N GLN D 203 -42.46 -8.69 -34.36
CA GLN D 203 -43.36 -9.14 -35.42
C GLN D 203 -42.64 -9.43 -36.73
N ASN D 204 -41.41 -9.92 -36.66
CA ASN D 204 -40.65 -10.33 -37.84
C ASN D 204 -40.17 -11.76 -37.62
N PRO D 205 -40.77 -12.75 -38.28
CA PRO D 205 -40.32 -14.15 -38.07
C PRO D 205 -38.87 -14.41 -38.46
N ARG D 206 -38.22 -13.48 -39.17
CA ARG D 206 -36.80 -13.65 -39.46
C ARG D 206 -35.93 -13.39 -38.25
N ASN D 207 -36.43 -12.63 -37.27
CA ASN D 207 -35.63 -12.29 -36.10
C ASN D 207 -35.56 -13.47 -35.14
N HIS D 208 -34.36 -13.82 -34.71
CA HIS D 208 -34.12 -14.95 -33.84
C HIS D 208 -33.59 -14.46 -32.50
N PHE D 209 -34.25 -14.90 -31.42
CA PHE D 209 -33.89 -14.52 -30.06
C PHE D 209 -33.38 -15.75 -29.32
N ARG D 210 -32.27 -15.60 -28.59
CA ARG D 210 -31.70 -16.71 -27.84
C ARG D 210 -31.24 -16.22 -26.48
N CYS D 211 -31.66 -16.92 -25.43
CA CYS D 211 -31.17 -16.69 -24.08
C CYS D 211 -30.14 -17.75 -23.75
N GLN D 212 -28.91 -17.32 -23.47
CA GLN D 212 -27.79 -18.21 -23.22
C GLN D 212 -27.32 -18.05 -21.79
N VAL D 213 -27.16 -19.18 -21.09
CA VAL D 213 -26.67 -19.19 -19.72
C VAL D 213 -25.40 -20.03 -19.69
N GLN D 214 -24.27 -19.38 -19.45
CA GLN D 214 -23.01 -20.08 -19.25
C GLN D 214 -22.93 -20.57 -17.81
N PHE D 215 -22.83 -21.87 -17.62
CA PHE D 215 -22.73 -22.46 -16.29
C PHE D 215 -21.29 -22.85 -16.01
N TYR D 216 -20.86 -22.60 -14.77
CA TYR D 216 -19.52 -22.96 -14.31
C TYR D 216 -19.65 -24.11 -13.33
N GLY D 217 -19.11 -25.27 -13.70
CA GLY D 217 -19.22 -26.45 -12.86
C GLY D 217 -17.96 -27.28 -12.86
N LEU D 218 -18.12 -28.60 -12.89
CA LEU D 218 -16.98 -29.49 -12.81
C LEU D 218 -16.18 -29.46 -14.10
N SER D 219 -14.91 -29.85 -14.00
CA SER D 219 -14.05 -29.95 -15.16
C SER D 219 -14.01 -31.39 -15.66
N GLU D 220 -13.33 -31.59 -16.78
CA GLU D 220 -13.15 -32.95 -17.31
C GLU D 220 -12.29 -33.78 -16.37
N ASN D 221 -11.31 -33.17 -15.69
CA ASN D 221 -10.48 -33.88 -14.74
C ASN D 221 -11.20 -34.15 -13.42
N ASP D 222 -12.22 -33.37 -13.09
CA ASP D 222 -13.00 -33.62 -11.88
C ASP D 222 -13.59 -35.02 -11.92
N GLU D 223 -13.42 -35.76 -10.83
CA GLU D 223 -13.93 -37.12 -10.75
C GLU D 223 -15.42 -37.11 -10.44
N TRP D 224 -16.19 -37.83 -11.25
CA TRP D 224 -17.64 -37.90 -11.10
C TRP D 224 -18.04 -39.37 -11.01
N THR D 225 -18.57 -39.78 -9.87
CA THR D 225 -18.96 -41.16 -9.66
C THR D 225 -20.43 -41.28 -9.29
N GLN D 226 -21.32 -40.81 -10.17
CA GLN D 226 -22.76 -40.89 -9.95
C GLN D 226 -23.43 -41.32 -11.24
N ASP D 227 -24.77 -41.41 -11.18
CA ASP D 227 -25.56 -41.93 -12.29
C ASP D 227 -26.02 -40.84 -13.25
N ARG D 228 -26.38 -39.66 -12.74
CA ARG D 228 -26.88 -38.59 -13.59
C ARG D 228 -25.72 -37.99 -14.40
N ALA D 229 -26.08 -37.08 -15.30
CA ALA D 229 -25.08 -36.46 -16.16
C ALA D 229 -24.11 -35.60 -15.35
N LYS D 230 -22.86 -35.60 -15.75
CA LYS D 230 -21.83 -34.86 -15.05
C LYS D 230 -22.09 -33.36 -15.17
N PRO D 231 -22.28 -32.63 -14.07
CA PRO D 231 -22.59 -31.19 -14.15
C PRO D 231 -21.35 -30.35 -14.44
N VAL D 232 -20.85 -30.47 -15.67
CA VAL D 232 -19.63 -29.79 -16.08
C VAL D 232 -19.95 -28.35 -16.50
N THR D 233 -18.90 -27.55 -16.66
CA THR D 233 -19.05 -26.23 -17.26
C THR D 233 -19.65 -26.37 -18.65
N GLN D 234 -20.79 -25.71 -18.86
CA GLN D 234 -21.54 -25.88 -20.09
C GLN D 234 -22.43 -24.66 -20.32
N ILE D 235 -22.92 -24.55 -21.55
CA ILE D 235 -23.87 -23.52 -21.94
C ILE D 235 -25.21 -24.19 -22.17
N VAL D 236 -26.26 -23.63 -21.56
CA VAL D 236 -27.63 -24.09 -21.76
C VAL D 236 -28.44 -22.91 -22.27
N SER D 237 -29.08 -23.09 -23.42
CA SER D 237 -29.76 -22.00 -24.11
C SER D 237 -31.22 -22.36 -24.37
N ALA D 238 -32.05 -21.32 -24.44
CA ALA D 238 -33.41 -21.42 -24.95
C ALA D 238 -33.60 -20.32 -25.98
N GLU D 239 -34.41 -20.60 -26.99
CA GLU D 239 -34.55 -19.69 -28.11
C GLU D 239 -36.01 -19.54 -28.50
N ALA D 240 -36.29 -18.46 -29.24
CA ALA D 240 -37.63 -18.17 -29.73
C ALA D 240 -37.51 -17.38 -31.03
N TRP D 241 -38.51 -17.53 -31.88
CA TRP D 241 -38.58 -16.83 -33.15
C TRP D 241 -39.68 -15.79 -33.12
N GLY D 242 -39.56 -14.80 -34.01
CA GLY D 242 -40.55 -13.74 -34.07
C GLY D 242 -41.93 -14.27 -34.44
N ARG D 243 -42.96 -13.56 -33.97
CA ARG D 243 -44.33 -14.00 -34.13
C ARG D 243 -45.21 -12.81 -34.49
N ALA D 244 -46.22 -13.08 -35.33
CA ALA D 244 -47.21 -12.08 -35.72
C ALA D 244 -48.60 -12.68 -35.58
N ASP D 245 -49.60 -11.80 -35.56
CA ASP D 245 -50.99 -12.22 -35.44
C ASP D 245 -51.93 -11.07 -35.77
N TYR E 1 11.25 -13.97 0.89
CA TYR E 1 10.09 -13.18 1.30
C TYR E 1 10.07 -12.97 2.80
N VAL E 2 9.08 -12.22 3.27
CA VAL E 2 8.87 -11.97 4.69
C VAL E 2 7.41 -12.31 5.01
N VAL E 3 7.22 -13.10 6.07
CA VAL E 3 5.87 -13.40 6.54
C VAL E 3 5.40 -12.22 7.39
N VAL E 4 4.49 -11.43 6.84
CA VAL E 4 4.02 -10.21 7.50
C VAL E 4 2.83 -10.55 8.38
N PRO E 5 2.54 -9.76 9.42
CA PRO E 5 1.46 -10.12 10.36
C PRO E 5 0.07 -10.12 9.76
N ASP E 6 -0.92 -10.44 10.60
CA ASP E 6 -2.28 -10.76 10.19
C ASP E 6 -2.32 -12.04 9.36
#